data_7SXE
#
_entry.id   7SXE
#
_cell.length_a   64.254
_cell.length_b   115.998
_cell.length_c   125.632
_cell.angle_alpha   90.000
_cell.angle_beta   90.000
_cell.angle_gamma   90.000
#
_symmetry.space_group_name_H-M   'P 21 21 21'
#
loop_
_entity.id
_entity.type
_entity.pdbx_description
1 polymer 'DNA ligase 1'
2 polymer 'DNA chain 1'
3 polymer 'DNA chain 2'
4 polymer 'DNA chain 3'
5 non-polymer 'ADENOSINE MONOPHOSPHATE'
6 water water
#
loop_
_entity_poly.entity_id
_entity_poly.type
_entity_poly.pdbx_seq_one_letter_code
_entity_poly.pdbx_strand_id
1 'polypeptide(L)'
;LDPSGYNPAKNNYHPVEDACWKPGQKVPYLAVARTFEKIEEVSARLRMVETLSNLLRSVVALSPPDLLPVLYLSLNHLGP
PQQGLALGVGDGVLLKAVAQATGRQLESVRAEAAEKGDVGLVAENSRSTQRLMLPPPPLTASGVFSKFRDIARLTGSAST
AKKIDIIKGLFVACRHSEARFIARSLSGRLRLGLAEQSVLAALSQAVSLTPPGQEFPPAMVDAGKGKTAEARKTWLEEQG
MILKQTFCEVPDLDRIIPVLLEHGLERLPEHCKLSPGIPLKPMLAHPTRGISEVLKRFEEAAFTCEYKYDGQRAQIHALE
GGEVKIFSRNQADNTGKYPDIISRIPKIKLPSVTSFILDTEAVAWDREKKQIQPFQVLTTRKRKEVDASEIQVQVCLYAF
DLIYLNGESLVREPLSRRRQLLRENFVETEGEFVFATSLDTKDIEQIAEFLEQSVKDSCEGLMVKTLDVDATYEIAKRSH
NWLKLKKDYLDGVGDTLDLVVIGAYLGRGKRAGRYGGFLLASYDEDSEELQAICKLGTGFSDEELEEHHQSLKALVLPSP
RPYVRIDGAVIPDHWLDPSAVWEVKCADLSLSPIYPAARGLVDSDKGISLRFPRFIRVREDKQPEQATTSAQVACLYRKQ
SQIQNQQGEDSGSDPEDTAAALEHHHHHH
;
A
2 'polydeoxyribonucleotide' (DG)(DC)(DT)(DG)(DA)(DT)(DG)(DC)(DG)(DT)(DG) B
3 'polydeoxyribonucleotide' (DG)(DT)(DC)(DG)(DG)(DA)(DC) C
4 'polydeoxyribonucleotide' (DG)(DT)(DC)(DC)(DG)(DA)(DC)(DT)(DA)(DC)(DG)(DC)(DA)(DT)(DC)(DA)(DG)(DC) D
#
loop_
_chem_comp.id
_chem_comp.type
_chem_comp.name
_chem_comp.formula
AMP non-polymer 'ADENOSINE MONOPHOSPHATE' 'C10 H14 N5 O7 P'
DA DNA linking 2'-DEOXYADENOSINE-5'-MONOPHOSPHATE 'C10 H14 N5 O6 P'
DC DNA linking 2'-DEOXYCYTIDINE-5'-MONOPHOSPHATE 'C9 H14 N3 O7 P'
DG DNA linking 2'-DEOXYGUANOSINE-5'-MONOPHOSPHATE 'C10 H14 N5 O7 P'
DT DNA linking THYMIDINE-5'-MONOPHOSPHATE 'C10 H15 N2 O8 P'
#
# COMPACT_ATOMS: atom_id res chain seq x y z
N LEU A 1 -32.15 -9.07 -18.43
CA LEU A 1 -33.38 -8.48 -17.94
C LEU A 1 -33.11 -7.70 -16.66
N ASP A 2 -34.06 -7.66 -15.73
CA ASP A 2 -33.98 -6.76 -14.56
C ASP A 2 -32.65 -6.93 -13.84
N PRO A 3 -31.68 -6.02 -14.02
CA PRO A 3 -30.39 -6.20 -13.34
C PRO A 3 -30.50 -6.20 -11.83
N SER A 4 -31.52 -5.55 -11.24
CA SER A 4 -31.67 -5.47 -9.79
CA SER A 4 -31.69 -5.48 -9.79
C SER A 4 -31.93 -6.84 -9.13
N GLY A 5 -31.87 -7.93 -9.88
CA GLY A 5 -32.03 -9.23 -9.29
C GLY A 5 -30.83 -10.10 -9.57
N TYR A 6 -29.92 -9.61 -10.41
CA TYR A 6 -28.67 -10.30 -10.69
C TYR A 6 -28.04 -10.81 -9.40
N ASN A 7 -27.84 -12.13 -9.34
CA ASN A 7 -27.21 -12.80 -8.20
C ASN A 7 -26.13 -13.74 -8.70
N PRO A 8 -24.88 -13.26 -8.82
CA PRO A 8 -23.79 -14.14 -9.23
C PRO A 8 -23.32 -15.04 -8.10
N ALA A 9 -23.92 -14.91 -6.91
CA ALA A 9 -23.74 -15.87 -5.82
C ALA A 9 -24.59 -17.12 -6.00
N LYS A 10 -25.69 -17.02 -6.77
CA LYS A 10 -26.63 -18.11 -6.95
C LYS A 10 -25.90 -19.39 -7.33
N ASN A 11 -26.37 -20.49 -6.74
CA ASN A 11 -25.70 -21.78 -6.80
C ASN A 11 -25.83 -22.40 -8.20
N ASN A 12 -24.78 -23.12 -8.61
CA ASN A 12 -24.68 -23.80 -9.91
C ASN A 12 -24.56 -22.82 -11.07
N TYR A 13 -24.09 -21.59 -10.80
CA TYR A 13 -24.17 -20.44 -11.72
C TYR A 13 -23.79 -20.80 -13.15
N HIS A 14 -24.53 -20.21 -14.09
CA HIS A 14 -24.32 -20.40 -15.51
C HIS A 14 -23.94 -19.06 -16.14
N PRO A 15 -22.71 -18.89 -16.69
CA PRO A 15 -22.38 -17.63 -17.39
C PRO A 15 -23.51 -17.04 -18.23
N VAL A 16 -24.05 -17.80 -19.19
CA VAL A 16 -24.93 -17.18 -20.18
C VAL A 16 -26.32 -16.96 -19.60
N GLU A 17 -26.84 -17.92 -18.83
CA GLU A 17 -28.26 -17.87 -18.49
C GLU A 17 -28.54 -16.85 -17.39
N ASP A 18 -27.92 -17.00 -16.20
CA ASP A 18 -28.23 -16.09 -15.10
C ASP A 18 -27.47 -14.75 -15.20
N ALA A 19 -26.94 -14.41 -16.38
CA ALA A 19 -26.48 -13.05 -16.66
C ALA A 19 -27.66 -12.08 -16.52
N CYS A 20 -27.43 -10.75 -16.60
CA CYS A 20 -28.56 -9.82 -16.59
C CYS A 20 -28.41 -8.81 -17.72
N TRP A 21 -27.64 -9.14 -18.76
CA TRP A 21 -27.47 -8.41 -20.01
C TRP A 21 -27.17 -9.40 -21.12
N LYS A 22 -27.79 -9.19 -22.30
CA LYS A 22 -27.64 -10.07 -23.47
C LYS A 22 -26.30 -9.83 -24.20
N PRO A 23 -25.83 -10.80 -25.00
CA PRO A 23 -24.45 -10.73 -25.51
C PRO A 23 -24.13 -9.56 -26.43
N GLY A 24 -22.84 -9.23 -26.50
CA GLY A 24 -22.33 -8.08 -27.22
C GLY A 24 -22.75 -6.71 -26.71
N GLN A 25 -23.61 -6.69 -25.70
CA GLN A 25 -24.01 -5.43 -25.09
C GLN A 25 -22.90 -4.93 -24.18
N LYS A 26 -23.10 -3.72 -23.65
CA LYS A 26 -22.21 -3.24 -22.61
C LYS A 26 -22.59 -3.91 -21.29
N VAL A 27 -21.62 -4.17 -20.44
CA VAL A 27 -21.94 -4.67 -19.10
C VAL A 27 -22.44 -3.52 -18.24
N PRO A 28 -23.60 -3.66 -17.62
CA PRO A 28 -24.17 -2.58 -16.80
C PRO A 28 -23.49 -2.39 -15.44
N TYR A 29 -23.50 -1.16 -14.94
CA TYR A 29 -22.85 -1.00 -13.64
C TYR A 29 -23.60 -1.83 -12.59
N LEU A 30 -24.94 -1.75 -12.56
CA LEU A 30 -25.67 -2.50 -11.55
C LEU A 30 -25.33 -3.98 -11.59
N ALA A 31 -24.79 -4.47 -12.71
CA ALA A 31 -24.14 -5.79 -12.67
C ALA A 31 -23.06 -5.78 -11.60
N VAL A 32 -22.06 -4.91 -11.78
CA VAL A 32 -20.97 -4.79 -10.84
C VAL A 32 -21.51 -4.42 -9.46
N ALA A 33 -22.43 -3.46 -9.39
CA ALA A 33 -22.94 -3.07 -8.08
C ALA A 33 -23.54 -4.27 -7.35
N ARG A 34 -24.41 -5.04 -7.99
CA ARG A 34 -25.01 -6.21 -7.34
C ARG A 34 -23.92 -7.18 -6.86
N THR A 35 -23.00 -7.55 -7.76
CA THR A 35 -21.88 -8.43 -7.42
C THR A 35 -21.16 -7.95 -6.16
N PHE A 36 -20.85 -6.66 -6.11
CA PHE A 36 -20.18 -6.10 -4.95
C PHE A 36 -20.99 -6.32 -3.68
N GLU A 37 -22.31 -6.16 -3.74
CA GLU A 37 -23.13 -6.48 -2.58
C GLU A 37 -22.96 -7.94 -2.22
N LYS A 38 -22.92 -8.81 -3.20
CA LYS A 38 -22.87 -10.22 -2.84
C LYS A 38 -21.53 -10.53 -2.21
N ILE A 39 -20.51 -9.70 -2.49
CA ILE A 39 -19.20 -9.91 -1.89
C ILE A 39 -19.16 -9.29 -0.51
N GLU A 40 -19.63 -8.07 -0.35
CA GLU A 40 -19.44 -7.50 0.98
C GLU A 40 -20.29 -8.18 2.04
N GLU A 41 -21.28 -8.99 1.65
CA GLU A 41 -22.19 -9.59 2.61
C GLU A 41 -21.78 -11.00 3.03
N VAL A 42 -20.61 -11.46 2.59
CA VAL A 42 -20.00 -12.69 3.09
C VAL A 42 -18.65 -12.36 3.71
N SER A 43 -18.02 -13.37 4.28
CA SER A 43 -16.73 -13.20 4.91
C SER A 43 -15.71 -14.22 4.45
N ALA A 44 -16.13 -15.34 3.87
CA ALA A 44 -15.18 -16.34 3.39
C ALA A 44 -14.60 -15.89 2.05
N ARG A 45 -13.33 -15.47 2.06
CA ARG A 45 -12.55 -15.24 0.86
C ARG A 45 -12.93 -16.24 -0.23
N LEU A 46 -12.90 -17.55 0.04
CA LEU A 46 -13.18 -18.50 -1.04
C LEU A 46 -14.55 -18.24 -1.66
N ARG A 47 -15.55 -17.88 -0.85
CA ARG A 47 -16.87 -17.60 -1.41
C ARG A 47 -16.87 -16.31 -2.22
N MET A 48 -16.26 -15.26 -1.68
CA MET A 48 -16.11 -13.99 -2.37
C MET A 48 -15.38 -14.17 -3.70
N VAL A 49 -14.40 -15.08 -3.77
CA VAL A 49 -13.73 -15.23 -5.05
C VAL A 49 -14.67 -15.84 -6.08
N GLU A 50 -15.60 -16.68 -5.62
CA GLU A 50 -16.50 -17.38 -6.53
C GLU A 50 -17.48 -16.39 -7.13
N THR A 51 -18.08 -15.56 -6.28
CA THR A 51 -19.01 -14.53 -6.72
C THR A 51 -18.42 -13.61 -7.79
N LEU A 52 -17.11 -13.30 -7.71
CA LEU A 52 -16.43 -12.46 -8.71
C LEU A 52 -16.13 -13.22 -10.00
N SER A 53 -15.55 -14.41 -9.86
CA SER A 53 -15.32 -15.34 -10.96
C SER A 53 -16.59 -15.46 -11.80
N ASN A 54 -17.75 -15.48 -11.14
CA ASN A 54 -18.99 -15.66 -11.88
C ASN A 54 -19.25 -14.48 -12.77
N LEU A 55 -19.36 -13.29 -12.16
CA LEU A 55 -19.47 -12.03 -12.88
C LEU A 55 -18.38 -11.98 -13.93
N LEU A 56 -17.18 -12.41 -13.57
CA LEU A 56 -16.08 -12.43 -14.54
C LEU A 56 -16.34 -13.42 -15.66
N ARG A 57 -16.96 -14.57 -15.40
CA ARG A 57 -17.11 -15.59 -16.44
C ARG A 57 -18.07 -15.13 -17.52
N SER A 58 -19.27 -14.73 -17.11
CA SER A 58 -20.17 -13.97 -17.96
C SER A 58 -19.41 -12.94 -18.81
N VAL A 59 -18.69 -12.02 -18.17
CA VAL A 59 -18.07 -10.93 -18.94
C VAL A 59 -17.14 -11.51 -20.01
N VAL A 60 -16.34 -12.52 -19.63
CA VAL A 60 -15.49 -13.18 -20.62
C VAL A 60 -16.34 -13.73 -21.76
N ALA A 61 -17.57 -14.11 -21.46
CA ALA A 61 -18.36 -14.81 -22.45
C ALA A 61 -19.08 -13.84 -23.37
N LEU A 62 -19.99 -13.03 -22.83
CA LEU A 62 -20.84 -12.19 -23.67
C LEU A 62 -20.15 -10.89 -24.08
N SER A 63 -19.28 -10.32 -23.26
CA SER A 63 -18.76 -8.98 -23.50
C SER A 63 -17.26 -8.94 -23.25
N PRO A 64 -16.48 -9.64 -24.07
CA PRO A 64 -15.02 -9.67 -23.89
C PRO A 64 -14.39 -8.29 -23.69
N PRO A 65 -14.78 -7.27 -24.46
CA PRO A 65 -14.03 -6.01 -24.35
C PRO A 65 -14.14 -5.30 -23.00
N ASP A 66 -15.34 -5.26 -22.43
CA ASP A 66 -15.58 -4.83 -21.06
C ASP A 66 -14.70 -5.52 -20.01
N LEU A 67 -13.97 -6.60 -20.32
CA LEU A 67 -13.28 -7.34 -19.25
C LEU A 67 -12.37 -6.43 -18.41
N LEU A 68 -11.28 -5.98 -19.03
CA LEU A 68 -10.30 -5.08 -18.41
C LEU A 68 -10.91 -3.97 -17.56
N PRO A 69 -11.85 -3.16 -18.05
CA PRO A 69 -12.51 -2.21 -17.16
C PRO A 69 -13.14 -2.81 -15.91
N VAL A 70 -13.68 -4.03 -15.98
CA VAL A 70 -14.29 -4.62 -14.80
C VAL A 70 -13.24 -4.93 -13.75
N LEU A 71 -12.07 -5.42 -14.19
CA LEU A 71 -11.05 -5.77 -13.22
C LEU A 71 -10.62 -4.53 -12.44
N TYR A 72 -10.31 -3.50 -13.19
CA TYR A 72 -9.95 -2.20 -12.68
C TYR A 72 -11.00 -1.66 -11.72
N LEU A 73 -12.26 -1.60 -12.18
CA LEU A 73 -13.31 -1.20 -11.28
C LEU A 73 -13.30 -2.09 -10.06
N SER A 74 -13.06 -3.38 -10.24
CA SER A 74 -13.05 -4.26 -9.06
CA SER A 74 -13.06 -4.25 -9.06
C SER A 74 -11.78 -4.06 -8.25
N LEU A 75 -10.67 -3.69 -8.89
CA LEU A 75 -9.51 -3.39 -8.09
C LEU A 75 -9.59 -2.00 -7.48
N ASN A 76 -10.52 -1.19 -7.96
CA ASN A 76 -10.56 0.24 -7.67
C ASN A 76 -9.24 0.92 -8.02
N HIS A 77 -8.56 0.44 -9.05
CA HIS A 77 -7.58 1.29 -9.69
C HIS A 77 -8.14 1.91 -10.97
N LEU A 78 -7.24 2.65 -11.64
CA LEU A 78 -7.54 3.40 -12.85
C LEU A 78 -6.77 2.90 -14.05
N GLY A 79 -5.62 2.24 -13.82
CA GLY A 79 -4.76 1.78 -14.88
C GLY A 79 -3.48 1.23 -14.29
N PRO A 80 -2.43 1.17 -15.10
CA PRO A 80 -1.15 0.57 -14.63
C PRO A 80 -0.41 1.52 -13.72
N PRO A 81 0.23 0.99 -12.67
CA PRO A 81 0.87 1.89 -11.69
C PRO A 81 1.86 2.86 -12.32
N GLN A 82 2.65 2.43 -13.30
CA GLN A 82 3.65 3.31 -13.91
C GLN A 82 3.02 4.53 -14.57
N GLN A 83 1.75 4.46 -14.95
CA GLN A 83 1.07 5.63 -15.51
C GLN A 83 0.87 6.75 -14.49
N GLY A 84 1.10 6.49 -13.20
CA GLY A 84 0.81 7.46 -12.14
C GLY A 84 -0.54 8.18 -12.21
N LEU A 85 -1.60 7.54 -12.70
CA LEU A 85 -2.89 8.22 -12.72
C LEU A 85 -3.47 8.29 -11.32
N ALA A 86 -4.13 9.41 -11.00
CA ALA A 86 -4.65 9.66 -9.65
C ALA A 86 -5.91 10.50 -9.72
N LEU A 87 -6.86 10.23 -8.86
CA LEU A 87 -8.13 10.89 -8.93
C LEU A 87 -8.14 12.34 -8.57
N GLY A 88 -7.23 12.75 -7.71
CA GLY A 88 -7.24 14.11 -7.23
C GLY A 88 -8.58 14.47 -6.64
N VAL A 89 -9.47 13.51 -6.44
CA VAL A 89 -10.68 13.75 -5.68
C VAL A 89 -10.39 13.39 -4.24
N GLY A 90 -10.89 14.19 -3.31
CA GLY A 90 -10.86 13.85 -1.91
C GLY A 90 -12.23 13.94 -1.24
N ASP A 91 -12.21 13.73 0.09
CA ASP A 91 -13.45 13.74 0.85
C ASP A 91 -14.17 15.08 0.68
N GLY A 92 -13.42 16.20 0.76
CA GLY A 92 -13.97 17.56 0.59
C GLY A 92 -14.81 17.74 -0.66
N VAL A 93 -14.15 17.55 -1.82
CA VAL A 93 -14.76 17.47 -3.14
C VAL A 93 -15.99 16.55 -3.10
N LEU A 94 -15.76 15.29 -2.75
CA LEU A 94 -16.81 14.26 -2.90
C LEU A 94 -18.03 14.59 -2.04
N LEU A 95 -17.82 14.81 -0.74
CA LEU A 95 -18.90 15.25 0.13
C LEU A 95 -19.66 16.39 -0.49
N LYS A 96 -18.95 17.47 -0.83
CA LYS A 96 -19.49 18.60 -1.57
C LYS A 96 -20.31 18.10 -2.77
N ALA A 97 -19.67 17.37 -3.68
CA ALA A 97 -20.33 16.84 -4.87
C ALA A 97 -21.58 16.05 -4.53
N VAL A 98 -21.59 15.43 -3.35
CA VAL A 98 -22.77 14.70 -2.89
C VAL A 98 -23.89 15.68 -2.57
N ALA A 99 -23.65 16.55 -1.58
CA ALA A 99 -24.55 17.64 -1.22
C ALA A 99 -25.12 18.28 -2.48
N GLN A 100 -24.27 18.52 -3.49
CA GLN A 100 -24.68 19.18 -4.72
C GLN A 100 -25.59 18.33 -5.59
N ALA A 101 -25.61 17.01 -5.42
CA ALA A 101 -26.54 16.17 -6.13
C ALA A 101 -27.80 15.83 -5.36
N THR A 102 -28.00 16.41 -4.17
CA THR A 102 -29.06 15.93 -3.28
C THR A 102 -29.70 17.06 -2.49
N GLY A 103 -28.96 18.10 -2.09
CA GLY A 103 -29.56 19.23 -1.41
C GLY A 103 -28.99 19.63 -0.06
N ARG A 104 -28.64 18.67 0.80
CA ARG A 104 -28.31 18.99 2.18
C ARG A 104 -27.08 19.91 2.25
N GLN A 105 -26.97 20.64 3.36
CA GLN A 105 -25.81 21.51 3.56
C GLN A 105 -24.60 20.65 3.84
N LEU A 106 -23.50 20.94 3.13
CA LEU A 106 -22.22 20.26 3.33
C LEU A 106 -22.01 19.97 4.81
N GLU A 107 -22.33 20.93 5.68
CA GLU A 107 -22.10 20.75 7.11
C GLU A 107 -23.09 19.81 7.77
N SER A 108 -24.16 19.40 7.08
CA SER A 108 -25.05 18.35 7.56
C SER A 108 -24.59 16.97 7.09
N VAL A 109 -24.48 16.81 5.76
CA VAL A 109 -23.88 15.61 5.19
C VAL A 109 -22.56 15.30 5.87
N ARG A 110 -21.74 16.35 6.11
CA ARG A 110 -20.39 16.16 6.67
C ARG A 110 -20.43 15.40 7.98
N ALA A 111 -21.45 15.65 8.80
CA ALA A 111 -21.55 14.95 10.08
C ALA A 111 -22.09 13.54 9.89
N GLU A 112 -22.98 13.32 8.91
CA GLU A 112 -23.48 11.98 8.66
C GLU A 112 -22.35 11.05 8.22
N ALA A 113 -21.47 11.55 7.35
CA ALA A 113 -20.34 10.76 6.87
C ALA A 113 -19.35 10.45 7.98
N ALA A 114 -19.26 11.31 9.00
CA ALA A 114 -18.40 11.04 10.14
C ALA A 114 -19.10 10.14 11.17
N GLU A 115 -20.41 10.34 11.35
CA GLU A 115 -21.20 9.47 12.23
C GLU A 115 -21.33 8.06 11.66
N LYS A 116 -21.42 7.93 10.33
CA LYS A 116 -21.55 6.61 9.73
C LYS A 116 -20.20 5.93 9.49
N GLY A 117 -19.13 6.71 9.31
CA GLY A 117 -17.84 6.16 8.97
C GLY A 117 -17.74 5.71 7.54
N ASP A 118 -18.72 6.09 6.71
CA ASP A 118 -18.81 5.68 5.31
C ASP A 118 -19.55 6.74 4.51
N VAL A 119 -18.86 7.27 3.50
CA VAL A 119 -19.47 8.22 2.59
C VAL A 119 -20.55 7.55 1.77
N GLY A 120 -20.22 6.36 1.21
CA GLY A 120 -21.11 5.69 0.28
C GLY A 120 -22.51 5.52 0.81
N LEU A 121 -22.63 5.32 2.12
CA LEU A 121 -23.93 5.23 2.75
C LEU A 121 -24.72 6.52 2.57
N VAL A 122 -24.08 7.67 2.82
CA VAL A 122 -24.80 8.96 2.82
C VAL A 122 -25.29 9.31 1.42
N ALA A 123 -24.48 9.03 0.39
CA ALA A 123 -24.85 9.38 -0.98
C ALA A 123 -26.17 8.71 -1.37
N GLU A 124 -26.22 7.38 -1.27
CA GLU A 124 -27.40 6.58 -1.54
C GLU A 124 -28.69 6.96 -0.82
N ASN A 125 -28.66 6.89 0.52
CA ASN A 125 -29.81 7.13 1.38
C ASN A 125 -30.53 8.45 1.09
N SER A 126 -29.77 9.52 0.82
CA SER A 126 -30.36 10.80 0.48
C SER A 126 -31.35 10.65 -0.66
N ARG A 127 -32.59 11.14 -0.45
CA ARG A 127 -33.70 10.98 -1.40
C ARG A 127 -34.50 12.29 -1.49
N MET A 133 -36.89 13.29 -10.23
CA MET A 133 -36.70 13.92 -11.54
C MET A 133 -36.61 12.87 -12.63
N LEU A 134 -36.46 13.33 -13.87
CA LEU A 134 -36.36 12.43 -15.02
C LEU A 134 -35.11 11.56 -14.92
N PRO A 135 -35.31 10.23 -14.83
CA PRO A 135 -34.21 9.27 -14.74
C PRO A 135 -33.50 9.10 -16.07
N PRO A 136 -32.16 9.16 -16.06
CA PRO A 136 -31.27 9.02 -17.27
C PRO A 136 -31.08 7.57 -17.63
N PRO A 137 -30.40 7.27 -18.75
CA PRO A 137 -30.12 5.85 -19.10
C PRO A 137 -29.38 5.13 -17.97
N PRO A 138 -29.46 3.82 -17.89
CA PRO A 138 -28.66 3.13 -16.89
C PRO A 138 -27.17 3.36 -17.12
N LEU A 139 -26.41 3.16 -16.05
CA LEU A 139 -24.96 3.24 -16.12
C LEU A 139 -24.36 1.91 -16.57
N THR A 140 -23.37 2.01 -17.45
CA THR A 140 -22.52 0.91 -17.88
C THR A 140 -21.20 0.89 -17.10
N ALA A 141 -20.60 -0.31 -17.01
CA ALA A 141 -19.33 -0.47 -16.33
C ALA A 141 -18.19 0.21 -17.07
N SER A 142 -18.08 0.01 -18.39
CA SER A 142 -17.06 0.74 -19.14
CA SER A 142 -17.06 0.75 -19.14
C SER A 142 -17.33 2.24 -19.09
N GLY A 143 -18.61 2.63 -19.03
CA GLY A 143 -18.94 4.03 -18.87
C GLY A 143 -18.38 4.62 -17.60
N VAL A 144 -18.68 4.01 -16.45
CA VAL A 144 -18.19 4.59 -15.21
C VAL A 144 -16.67 4.58 -15.19
N PHE A 145 -16.06 3.53 -15.74
CA PHE A 145 -14.62 3.56 -15.75
C PHE A 145 -14.12 4.74 -16.57
N SER A 146 -14.81 5.07 -17.67
CA SER A 146 -14.37 6.19 -18.50
C SER A 146 -14.47 7.50 -17.72
N LYS A 147 -15.60 7.72 -17.04
CA LYS A 147 -15.77 8.92 -16.22
C LYS A 147 -14.72 8.99 -15.11
N PHE A 148 -14.46 7.88 -14.41
CA PHE A 148 -13.37 7.88 -13.43
C PHE A 148 -12.07 8.38 -14.05
N ARG A 149 -11.68 7.83 -15.21
CA ARG A 149 -10.43 8.26 -15.85
C ARG A 149 -10.48 9.75 -16.24
N ASP A 150 -11.62 10.19 -16.80
CA ASP A 150 -11.84 11.60 -17.07
C ASP A 150 -11.53 12.47 -15.84
N ILE A 151 -12.10 12.12 -14.69
CA ILE A 151 -11.82 12.86 -13.47
C ILE A 151 -10.32 12.87 -13.15
N ALA A 152 -9.65 11.75 -13.39
CA ALA A 152 -8.24 11.72 -13.08
C ALA A 152 -7.51 12.74 -13.91
N ARG A 153 -7.92 12.88 -15.17
CA ARG A 153 -7.13 13.62 -16.14
C ARG A 153 -7.22 15.13 -15.94
N LEU A 154 -8.35 15.64 -15.39
CA LEU A 154 -8.56 17.08 -15.22
C LEU A 154 -7.50 17.72 -14.31
N THR A 155 -6.97 18.87 -14.75
CA THR A 155 -5.89 19.55 -14.03
C THR A 155 -5.92 21.08 -14.23
N GLY A 156 -5.26 21.78 -13.29
CA GLY A 156 -5.11 23.24 -13.36
C GLY A 156 -6.33 23.98 -12.85
N SER A 157 -6.29 25.30 -13.00
CA SER A 157 -7.27 26.07 -12.24
C SER A 157 -8.66 25.74 -12.77
N ALA A 158 -9.63 25.76 -11.86
CA ALA A 158 -11.03 25.40 -12.05
C ALA A 158 -11.24 23.91 -12.33
N SER A 159 -10.23 23.06 -12.10
CA SER A 159 -10.44 21.64 -12.41
C SER A 159 -11.30 20.92 -11.35
N THR A 160 -11.18 21.26 -10.06
CA THR A 160 -12.09 20.65 -9.11
C THR A 160 -13.53 20.80 -9.54
N ALA A 161 -13.91 22.01 -9.96
CA ALA A 161 -15.30 22.23 -10.33
C ALA A 161 -15.70 21.35 -11.52
N LYS A 162 -14.78 21.15 -12.46
CA LYS A 162 -15.10 20.30 -13.59
C LYS A 162 -15.24 18.85 -13.13
N LYS A 163 -14.55 18.50 -12.05
CA LYS A 163 -14.68 17.17 -11.44
C LYS A 163 -16.04 17.00 -10.77
N ILE A 164 -16.40 17.90 -9.85
CA ILE A 164 -17.70 17.85 -9.17
C ILE A 164 -18.88 17.68 -10.13
N ASP A 165 -18.70 18.01 -11.41
CA ASP A 165 -19.79 17.78 -12.34
C ASP A 165 -19.93 16.32 -12.69
N ILE A 166 -18.89 15.76 -13.31
CA ILE A 166 -18.82 14.34 -13.63
C ILE A 166 -19.35 13.52 -12.46
N ILE A 167 -18.89 13.81 -11.27
CA ILE A 167 -19.38 13.10 -10.09
C ILE A 167 -20.88 13.34 -9.90
N LYS A 168 -21.30 14.62 -9.85
CA LYS A 168 -22.74 14.90 -9.80
C LYS A 168 -23.45 14.15 -10.90
N GLY A 169 -22.82 14.06 -12.07
CA GLY A 169 -23.28 13.28 -13.19
C GLY A 169 -23.60 11.86 -12.76
N LEU A 170 -22.56 11.07 -12.51
CA LEU A 170 -22.72 9.68 -12.11
C LEU A 170 -23.81 9.48 -11.07
N PHE A 171 -23.66 10.14 -9.93
CA PHE A 171 -24.63 10.04 -8.85
C PHE A 171 -26.06 10.23 -9.31
N VAL A 172 -26.26 10.97 -10.39
CA VAL A 172 -27.61 11.16 -10.86
C VAL A 172 -28.18 10.13 -11.85
N ALA A 173 -27.35 9.48 -12.65
CA ALA A 173 -27.68 8.19 -13.30
C ALA A 173 -27.64 6.91 -12.29
N CYS A 174 -27.58 7.02 -10.97
CA CYS A 174 -27.46 5.85 -10.13
C CYS A 174 -28.81 5.24 -9.80
N ARG A 175 -28.82 3.92 -9.61
CA ARG A 175 -30.01 3.13 -9.38
C ARG A 175 -29.72 2.10 -8.31
N HIS A 176 -30.55 2.06 -7.27
CA HIS A 176 -30.41 1.17 -6.10
C HIS A 176 -29.06 1.39 -5.46
N SER A 177 -28.14 0.42 -5.51
CA SER A 177 -26.92 0.47 -4.73
C SER A 177 -25.81 1.27 -5.40
N GLU A 178 -25.91 1.51 -6.72
CA GLU A 178 -24.83 2.13 -7.50
C GLU A 178 -24.24 3.39 -6.85
N ALA A 179 -25.09 4.17 -6.15
CA ALA A 179 -24.60 5.31 -5.39
C ALA A 179 -23.54 4.87 -4.39
N ARG A 180 -23.94 4.06 -3.40
CA ARG A 180 -23.07 3.41 -2.42
C ARG A 180 -21.65 3.13 -2.93
N PHE A 181 -21.51 2.46 -4.10
CA PHE A 181 -20.20 1.99 -4.57
C PHE A 181 -19.40 2.97 -5.40
N ILE A 182 -20.05 3.92 -6.09
CA ILE A 182 -19.32 4.97 -6.80
C ILE A 182 -18.68 5.90 -5.80
N ALA A 183 -19.48 6.28 -4.79
CA ALA A 183 -18.98 7.08 -3.68
C ALA A 183 -17.76 6.45 -3.09
N ARG A 184 -17.88 5.16 -2.75
CA ARG A 184 -16.79 4.45 -2.11
C ARG A 184 -15.57 4.39 -3.03
N SER A 185 -15.74 4.00 -4.31
CA SER A 185 -14.59 4.00 -5.22
C SER A 185 -13.87 5.35 -5.23
N LEU A 186 -14.62 6.47 -5.37
CA LEU A 186 -13.97 7.77 -5.44
C LEU A 186 -13.27 8.12 -4.14
N SER A 187 -13.80 7.63 -3.02
CA SER A 187 -13.20 7.98 -1.75
C SER A 187 -11.94 7.16 -1.47
N GLY A 188 -11.49 6.36 -2.43
CA GLY A 188 -10.35 5.50 -2.17
C GLY A 188 -10.65 4.28 -1.30
N ARG A 189 -11.73 4.29 -0.53
CA ARG A 189 -11.99 3.20 0.40
C ARG A 189 -13.13 2.33 -0.14
N LEU A 190 -12.81 1.39 -1.04
CA LEU A 190 -13.87 0.53 -1.56
C LEU A 190 -14.29 -0.49 -0.53
N ARG A 191 -13.37 -0.88 0.36
CA ARG A 191 -13.59 -1.87 1.42
C ARG A 191 -14.55 -3.08 1.20
N LEU A 192 -14.25 -3.97 0.23
CA LEU A 192 -15.09 -5.14 0.02
C LEU A 192 -14.65 -6.37 0.82
N GLY A 193 -13.39 -6.40 1.26
CA GLY A 193 -12.81 -7.61 1.75
C GLY A 193 -12.13 -8.43 0.68
N LEU A 194 -12.01 -7.88 -0.51
CA LEU A 194 -11.41 -8.55 -1.63
C LEU A 194 -10.48 -7.59 -2.34
N ALA A 195 -9.26 -8.01 -2.63
CA ALA A 195 -8.33 -7.12 -3.27
C ALA A 195 -7.59 -7.73 -4.40
N GLU A 196 -6.34 -7.35 -4.59
CA GLU A 196 -5.57 -7.83 -5.71
C GLU A 196 -5.52 -9.29 -5.84
N GLN A 197 -4.93 -9.96 -4.87
CA GLN A 197 -4.83 -11.41 -4.83
C GLN A 197 -6.16 -12.07 -5.13
N SER A 198 -7.20 -11.75 -4.36
CA SER A 198 -8.51 -12.32 -4.67
C SER A 198 -8.95 -12.01 -6.09
N VAL A 199 -8.87 -10.76 -6.54
CA VAL A 199 -9.16 -10.44 -7.95
C VAL A 199 -8.35 -11.33 -8.90
N LEU A 200 -7.03 -11.45 -8.64
CA LEU A 200 -6.18 -12.32 -9.45
C LEU A 200 -6.70 -13.75 -9.44
N ALA A 201 -6.92 -14.35 -8.26
CA ALA A 201 -7.42 -15.73 -8.21
C ALA A 201 -8.77 -15.85 -8.91
N ALA A 202 -9.69 -14.89 -8.69
CA ALA A 202 -11.00 -14.90 -9.34
C ALA A 202 -10.92 -14.84 -10.86
N LEU A 203 -9.94 -14.10 -11.36
CA LEU A 203 -9.76 -14.06 -12.80
C LEU A 203 -9.27 -15.41 -13.31
N SER A 204 -8.14 -15.90 -12.78
CA SER A 204 -7.59 -17.17 -13.24
C SER A 204 -8.63 -18.30 -13.21
N GLN A 205 -9.45 -18.36 -12.15
CA GLN A 205 -10.57 -19.31 -12.15
C GLN A 205 -11.45 -19.09 -13.37
N ALA A 206 -12.11 -17.93 -13.44
CA ALA A 206 -13.13 -17.65 -14.45
C ALA A 206 -12.65 -17.93 -15.88
N VAL A 207 -11.36 -17.66 -16.19
CA VAL A 207 -10.90 -17.99 -17.54
C VAL A 207 -10.55 -19.45 -17.71
N SER A 208 -10.44 -20.19 -16.61
CA SER A 208 -10.31 -21.64 -16.64
C SER A 208 -11.68 -22.33 -16.75
N LEU A 209 -12.71 -21.84 -16.04
CA LEU A 209 -14.06 -22.36 -16.20
C LEU A 209 -14.70 -21.96 -17.55
N THR A 210 -14.28 -20.89 -18.16
CA THR A 210 -15.08 -20.43 -19.29
C THR A 210 -14.12 -19.87 -20.32
N PRO A 211 -13.28 -20.70 -20.93
CA PRO A 211 -12.06 -20.18 -21.56
C PRO A 211 -12.40 -19.21 -22.68
N PRO A 212 -11.52 -18.25 -22.95
CA PRO A 212 -11.90 -17.14 -23.82
C PRO A 212 -11.56 -17.39 -25.28
N GLY A 213 -12.27 -16.67 -26.15
CA GLY A 213 -12.14 -16.89 -27.58
C GLY A 213 -13.06 -17.92 -28.19
N GLN A 214 -13.98 -18.51 -27.42
CA GLN A 214 -15.01 -19.39 -27.98
C GLN A 214 -16.02 -18.57 -28.83
N GLU A 215 -16.49 -19.15 -29.93
CA GLU A 215 -17.49 -18.47 -30.74
C GLU A 215 -18.84 -18.59 -30.01
N PHE A 216 -19.56 -17.47 -29.88
CA PHE A 216 -20.82 -17.47 -29.18
C PHE A 216 -21.84 -18.20 -30.04
N PRO A 217 -22.70 -19.08 -29.45
CA PRO A 217 -22.69 -19.47 -28.03
C PRO A 217 -21.64 -20.54 -27.71
N PRO A 218 -20.93 -20.38 -26.60
CA PRO A 218 -19.65 -21.08 -26.45
C PRO A 218 -19.89 -22.52 -26.04
N ALA A 219 -19.02 -23.40 -26.53
CA ALA A 219 -19.06 -24.83 -26.20
C ALA A 219 -19.13 -25.06 -24.70
N MET A 220 -18.04 -24.75 -23.97
CA MET A 220 -17.90 -25.07 -22.54
C MET A 220 -18.03 -23.82 -21.70
N VAL A 221 -19.16 -23.70 -21.01
CA VAL A 221 -19.30 -22.67 -19.99
C VAL A 221 -18.77 -23.16 -18.63
N ASP A 222 -18.67 -24.47 -18.43
CA ASP A 222 -18.17 -25.03 -17.19
C ASP A 222 -17.16 -26.08 -17.58
N ALA A 223 -15.95 -25.66 -17.83
CA ALA A 223 -14.88 -26.61 -18.11
C ALA A 223 -14.43 -27.33 -16.92
N GLY A 224 -15.21 -27.19 -15.84
CA GLY A 224 -14.85 -27.77 -14.58
C GLY A 224 -15.72 -28.97 -14.31
N LYS A 225 -16.90 -29.02 -14.96
CA LYS A 225 -17.98 -29.94 -14.61
C LYS A 225 -17.57 -31.40 -14.62
N GLY A 226 -16.52 -31.77 -15.37
CA GLY A 226 -16.13 -33.17 -15.45
C GLY A 226 -14.90 -33.55 -14.65
N LYS A 227 -14.70 -32.91 -13.51
CA LYS A 227 -13.56 -33.17 -12.64
C LYS A 227 -14.07 -33.72 -11.31
N THR A 228 -13.14 -34.28 -10.55
CA THR A 228 -13.40 -34.68 -9.18
C THR A 228 -12.87 -33.60 -8.27
N ALA A 229 -13.52 -33.41 -7.11
CA ALA A 229 -13.26 -32.21 -6.32
C ALA A 229 -11.78 -32.08 -5.98
N GLU A 230 -11.12 -33.19 -5.64
CA GLU A 230 -9.67 -33.12 -5.42
C GLU A 230 -8.97 -32.71 -6.71
N ALA A 231 -9.54 -33.03 -7.87
CA ALA A 231 -8.89 -32.69 -9.12
C ALA A 231 -9.07 -31.23 -9.47
N ARG A 232 -10.30 -30.71 -9.32
CA ARG A 232 -10.59 -29.31 -9.62
C ARG A 232 -9.72 -28.40 -8.76
N LYS A 233 -9.84 -28.54 -7.44
CA LYS A 233 -9.06 -27.72 -6.51
C LYS A 233 -7.58 -27.79 -6.79
N THR A 234 -7.08 -28.92 -7.29
CA THR A 234 -5.69 -28.89 -7.71
C THR A 234 -5.53 -28.15 -9.03
N TRP A 235 -6.52 -28.27 -9.93
CA TRP A 235 -6.40 -27.72 -11.28
C TRP A 235 -6.35 -26.20 -11.22
N LEU A 236 -7.39 -25.60 -10.65
CA LEU A 236 -7.41 -24.16 -10.44
C LEU A 236 -6.13 -23.66 -9.77
N GLU A 237 -5.73 -24.29 -8.63
CA GLU A 237 -4.56 -23.79 -7.91
C GLU A 237 -3.32 -23.80 -8.81
N GLU A 238 -3.19 -24.77 -9.70
CA GLU A 238 -2.06 -24.79 -10.63
C GLU A 238 -2.13 -23.62 -11.58
N GLN A 239 -3.32 -23.39 -12.15
CA GLN A 239 -3.56 -22.31 -13.09
C GLN A 239 -3.44 -20.95 -12.41
N GLY A 240 -3.95 -20.83 -11.19
CA GLY A 240 -3.63 -19.72 -10.33
C GLY A 240 -2.19 -19.24 -10.40
N MET A 241 -1.22 -20.14 -10.19
CA MET A 241 0.18 -19.71 -10.04
C MET A 241 0.78 -19.24 -11.35
N ILE A 242 0.33 -19.80 -12.48
CA ILE A 242 0.75 -19.26 -13.78
C ILE A 242 0.40 -17.77 -13.84
N LEU A 243 -0.88 -17.45 -13.64
CA LEU A 243 -1.31 -16.05 -13.60
C LEU A 243 -0.49 -15.26 -12.59
N LYS A 244 -0.54 -15.68 -11.32
CA LYS A 244 0.10 -14.93 -10.24
C LYS A 244 1.53 -14.54 -10.59
N GLN A 245 2.36 -15.50 -11.02
CA GLN A 245 3.77 -15.20 -11.24
C GLN A 245 4.02 -14.41 -12.51
N THR A 246 3.21 -14.62 -13.56
CA THR A 246 3.31 -13.72 -14.71
C THR A 246 3.00 -12.27 -14.29
N PHE A 247 1.99 -12.08 -13.47
CA PHE A 247 1.69 -10.74 -12.97
C PHE A 247 2.87 -10.17 -12.16
N CYS A 248 3.33 -10.89 -11.12
CA CYS A 248 4.46 -10.46 -10.32
C CYS A 248 5.67 -10.07 -11.15
N GLU A 249 5.72 -10.50 -12.41
CA GLU A 249 6.74 -10.05 -13.34
C GLU A 249 6.23 -8.98 -14.30
N VAL A 250 4.93 -8.98 -14.61
CA VAL A 250 4.33 -7.91 -15.43
C VAL A 250 3.07 -7.39 -14.75
N PRO A 251 3.19 -6.65 -13.64
CA PRO A 251 2.02 -6.30 -12.82
C PRO A 251 1.26 -5.13 -13.44
N ASP A 252 0.66 -5.46 -14.60
CA ASP A 252 0.14 -4.49 -15.55
C ASP A 252 -0.96 -5.21 -16.34
N LEU A 253 -2.22 -4.81 -16.14
CA LEU A 253 -3.32 -5.54 -16.77
C LEU A 253 -3.50 -5.14 -18.23
N ASP A 254 -3.15 -3.90 -18.57
CA ASP A 254 -3.24 -3.48 -19.97
C ASP A 254 -2.35 -4.34 -20.87
N ARG A 255 -1.31 -4.97 -20.32
CA ARG A 255 -0.47 -5.85 -21.14
C ARG A 255 -1.02 -7.27 -21.16
N ILE A 256 -1.48 -7.75 -20.01
CA ILE A 256 -1.86 -9.16 -19.85
C ILE A 256 -3.21 -9.44 -20.48
N ILE A 257 -4.25 -8.71 -20.06
CA ILE A 257 -5.63 -9.08 -20.42
C ILE A 257 -5.74 -9.25 -21.93
N PRO A 258 -5.20 -8.33 -22.74
CA PRO A 258 -4.99 -8.66 -24.16
C PRO A 258 -4.50 -10.04 -24.59
N VAL A 259 -3.33 -10.44 -24.07
CA VAL A 259 -2.76 -11.74 -24.40
C VAL A 259 -3.60 -12.87 -23.82
N LEU A 260 -4.09 -12.69 -22.59
CA LEU A 260 -4.94 -13.69 -21.98
C LEU A 260 -6.09 -14.06 -22.91
N LEU A 261 -6.87 -13.04 -23.32
CA LEU A 261 -8.01 -13.18 -24.22
C LEU A 261 -7.65 -13.91 -25.51
N GLU A 262 -6.41 -13.75 -25.98
CA GLU A 262 -6.01 -14.38 -27.24
C GLU A 262 -5.43 -15.78 -27.03
N HIS A 263 -4.36 -15.91 -26.23
CA HIS A 263 -3.66 -17.19 -26.13
C HIS A 263 -4.07 -18.01 -24.90
N GLY A 264 -5.14 -17.64 -24.21
CA GLY A 264 -5.54 -18.34 -23.01
C GLY A 264 -4.51 -18.31 -21.91
N LEU A 265 -4.84 -18.92 -20.76
CA LEU A 265 -3.95 -18.80 -19.62
C LEU A 265 -2.66 -19.57 -19.83
N GLU A 266 -2.73 -20.81 -20.37
CA GLU A 266 -1.62 -21.72 -20.13
C GLU A 266 -0.34 -21.29 -20.86
N ARG A 267 -0.44 -20.56 -21.97
CA ARG A 267 0.77 -20.14 -22.66
C ARG A 267 1.12 -18.67 -22.40
N LEU A 268 0.36 -18.00 -21.53
CA LEU A 268 0.63 -16.61 -21.16
C LEU A 268 2.07 -16.35 -20.71
N PRO A 269 2.78 -17.26 -20.05
CA PRO A 269 4.17 -16.99 -19.70
C PRO A 269 5.11 -16.95 -20.88
N GLU A 270 4.63 -17.27 -22.09
CA GLU A 270 5.48 -17.28 -23.27
C GLU A 270 5.58 -15.89 -23.90
N HIS A 271 4.52 -15.09 -23.81
CA HIS A 271 4.46 -13.76 -24.40
C HIS A 271 4.64 -12.63 -23.40
N CYS A 272 4.31 -12.87 -22.12
CA CYS A 272 4.47 -11.89 -21.03
C CYS A 272 5.65 -12.29 -20.15
N LYS A 273 6.83 -11.81 -20.50
CA LYS A 273 8.05 -12.13 -19.78
C LYS A 273 8.62 -10.88 -19.13
N LEU A 274 9.22 -11.04 -17.95
CA LEU A 274 9.93 -9.93 -17.34
C LEU A 274 10.95 -9.37 -18.32
N SER A 275 10.78 -8.08 -18.65
CA SER A 275 11.64 -7.38 -19.60
CA SER A 275 11.65 -7.38 -19.59
C SER A 275 12.05 -6.04 -19.01
N PRO A 276 13.32 -5.63 -19.17
CA PRO A 276 13.73 -4.30 -18.73
C PRO A 276 12.87 -3.22 -19.37
N GLY A 277 12.34 -2.34 -18.51
CA GLY A 277 11.44 -1.28 -18.89
C GLY A 277 10.05 -1.47 -18.34
N ILE A 278 9.66 -2.71 -18.06
CA ILE A 278 8.39 -3.00 -17.40
C ILE A 278 8.69 -3.29 -15.94
N PRO A 279 8.13 -2.54 -15.00
CA PRO A 279 8.54 -2.71 -13.61
C PRO A 279 7.79 -3.87 -13.00
N LEU A 280 8.52 -4.66 -12.22
CA LEU A 280 7.93 -5.87 -11.60
C LEU A 280 7.77 -5.67 -10.09
N LYS A 281 6.99 -6.53 -9.46
CA LYS A 281 6.80 -6.50 -8.01
C LYS A 281 8.10 -6.84 -7.29
N PRO A 282 8.49 -6.08 -6.24
CA PRO A 282 9.74 -6.42 -5.54
C PRO A 282 9.51 -7.33 -4.34
N MET A 283 10.59 -7.89 -3.81
CA MET A 283 10.53 -8.89 -2.76
C MET A 283 10.30 -8.24 -1.40
N LEU A 284 9.27 -8.68 -0.68
CA LEU A 284 8.95 -8.07 0.59
C LEU A 284 9.75 -8.71 1.75
N ALA A 285 9.49 -8.25 2.96
CA ALA A 285 10.25 -8.72 4.12
C ALA A 285 9.30 -9.02 5.26
N HIS A 286 9.35 -10.22 5.76
CA HIS A 286 8.63 -10.62 6.95
C HIS A 286 9.36 -10.05 8.18
N PRO A 287 8.65 -9.51 9.16
CA PRO A 287 9.31 -9.12 10.40
C PRO A 287 9.73 -10.33 11.23
N THR A 288 10.90 -10.21 11.90
CA THR A 288 11.45 -11.26 12.76
C THR A 288 11.89 -10.64 14.08
N ARG A 289 11.04 -10.78 15.14
CA ARG A 289 11.14 -10.10 16.44
C ARG A 289 12.29 -10.59 17.32
N GLY A 290 13.16 -11.47 16.84
CA GLY A 290 14.31 -11.92 17.62
C GLY A 290 15.35 -12.63 16.77
N ILE A 291 16.22 -13.38 17.44
CA ILE A 291 17.26 -14.17 16.78
C ILE A 291 17.01 -15.64 17.04
N SER A 292 16.42 -15.96 18.20
CA SER A 292 15.66 -17.19 18.33
C SER A 292 14.82 -17.42 17.08
N GLU A 293 14.01 -16.41 16.70
CA GLU A 293 13.08 -16.58 15.60
C GLU A 293 13.80 -16.78 14.26
N VAL A 294 15.01 -16.24 14.12
CA VAL A 294 15.75 -16.35 12.85
C VAL A 294 16.12 -17.79 12.57
N LEU A 295 16.60 -18.51 13.60
CA LEU A 295 16.95 -19.91 13.48
C LEU A 295 15.75 -20.84 13.65
N LYS A 296 14.59 -20.34 14.09
CA LYS A 296 13.38 -21.15 13.99
C LYS A 296 12.86 -21.19 12.55
N ARG A 297 12.83 -20.03 11.88
CA ARG A 297 12.46 -19.97 10.47
C ARG A 297 13.54 -20.60 9.57
N PHE A 298 14.80 -20.19 9.75
CA PHE A 298 15.90 -20.59 8.89
C PHE A 298 16.81 -21.64 9.53
N GLU A 299 16.25 -22.51 10.37
CA GLU A 299 16.99 -23.53 11.12
C GLU A 299 18.14 -24.17 10.37
N GLU A 300 17.86 -24.68 9.19
CA GLU A 300 18.86 -25.41 8.46
C GLU A 300 19.77 -24.50 7.64
N ALA A 301 19.17 -23.74 6.72
CA ALA A 301 19.80 -23.06 5.57
C ALA A 301 20.81 -21.98 5.94
N ALA A 302 21.77 -21.74 5.04
CA ALA A 302 22.81 -20.74 5.27
C ALA A 302 22.33 -19.37 4.78
N PHE A 303 22.46 -18.35 5.65
CA PHE A 303 21.95 -17.02 5.28
C PHE A 303 23.02 -15.95 5.40
N THR A 304 22.81 -14.88 4.65
CA THR A 304 23.61 -13.68 4.69
C THR A 304 22.95 -12.67 5.63
N CYS A 305 23.66 -11.58 5.91
CA CYS A 305 23.14 -10.48 6.71
C CYS A 305 23.51 -9.15 6.09
N GLU A 306 22.51 -8.34 5.77
CA GLU A 306 22.77 -7.04 5.22
C GLU A 306 22.14 -5.98 6.12
N TYR A 307 22.82 -4.83 6.18
CA TYR A 307 22.27 -3.64 6.79
C TYR A 307 20.90 -3.33 6.21
N LYS A 308 20.02 -2.72 7.00
CA LYS A 308 18.74 -2.26 6.47
C LYS A 308 18.80 -0.75 6.32
N TYR A 309 19.04 -0.28 5.10
CA TYR A 309 19.25 1.14 4.87
C TYR A 309 17.95 1.92 4.94
N ASP A 310 18.04 3.11 5.52
CA ASP A 310 16.87 3.95 5.71
C ASP A 310 16.86 5.03 4.61
N GLY A 311 16.64 4.55 3.40
CA GLY A 311 16.34 5.35 2.23
C GLY A 311 14.95 5.01 1.75
N GLN A 312 14.76 5.01 0.42
CA GLN A 312 13.62 4.39 -0.24
C GLN A 312 14.11 3.45 -1.32
N ARG A 313 13.24 2.51 -1.73
CA ARG A 313 13.60 1.48 -2.70
C ARG A 313 13.58 2.06 -4.10
N ALA A 314 14.66 1.84 -4.85
CA ALA A 314 14.79 2.33 -6.21
C ALA A 314 15.14 1.16 -7.12
N GLN A 315 14.19 0.80 -8.01
CA GLN A 315 14.31 -0.34 -8.91
C GLN A 315 14.86 0.15 -10.24
N ILE A 316 16.10 -0.20 -10.55
CA ILE A 316 16.83 0.43 -11.63
C ILE A 316 16.80 -0.46 -12.87
N HIS A 317 16.33 0.08 -13.98
CA HIS A 317 16.25 -0.64 -15.23
C HIS A 317 17.22 -0.01 -16.20
N ALA A 318 18.20 -0.79 -16.64
CA ALA A 318 19.02 -0.48 -17.80
C ALA A 318 18.67 -1.46 -18.90
N LEU A 319 18.14 -0.96 -20.01
CA LEU A 319 17.65 -1.79 -21.10
C LEU A 319 18.58 -1.66 -22.31
N GLU A 320 18.89 -2.79 -22.97
CA GLU A 320 19.72 -2.88 -24.20
C GLU A 320 19.25 -1.79 -25.14
N GLY A 321 20.05 -0.74 -25.27
CA GLY A 321 19.53 0.42 -25.96
C GLY A 321 19.78 1.68 -25.15
N GLY A 322 20.68 1.58 -24.18
CA GLY A 322 21.17 2.73 -23.45
C GLY A 322 20.24 3.29 -22.41
N GLU A 323 19.00 3.57 -22.82
CA GLU A 323 18.01 4.31 -22.02
C GLU A 323 17.78 3.69 -20.64
N VAL A 324 17.80 4.54 -19.60
CA VAL A 324 17.54 4.11 -18.23
C VAL A 324 16.16 4.59 -17.79
N LYS A 325 15.45 3.74 -17.04
CA LYS A 325 14.21 4.06 -16.34
C LYS A 325 14.31 3.51 -14.92
N ILE A 326 13.80 4.28 -13.95
CA ILE A 326 13.89 3.93 -12.53
C ILE A 326 12.49 3.90 -11.93
N PHE A 327 12.21 2.88 -11.12
CA PHE A 327 10.87 2.67 -10.58
C PHE A 327 10.92 2.46 -9.09
N SER A 328 9.79 2.74 -8.45
CA SER A 328 9.69 2.71 -7.01
C SER A 328 9.03 1.42 -6.54
N ARG A 329 8.97 1.28 -5.22
CA ARG A 329 8.45 0.07 -4.58
C ARG A 329 7.07 -0.30 -5.10
N ASN A 330 6.31 0.68 -5.63
CA ASN A 330 4.94 0.46 -6.05
C ASN A 330 4.77 0.50 -7.56
N GLN A 331 5.84 0.18 -8.30
CA GLN A 331 5.84 0.26 -9.77
C GLN A 331 5.43 1.65 -10.25
N ALA A 332 5.87 2.70 -9.55
CA ALA A 332 5.66 4.08 -9.96
C ALA A 332 6.91 4.62 -10.67
N ASP A 333 6.71 5.45 -11.70
CA ASP A 333 7.83 5.83 -12.56
C ASP A 333 8.59 6.97 -11.91
N ASN A 334 9.73 6.63 -11.26
CA ASN A 334 10.61 7.58 -10.59
C ASN A 334 11.75 8.07 -11.48
N THR A 335 11.65 7.84 -12.81
CA THR A 335 12.74 8.26 -13.69
C THR A 335 12.96 9.75 -13.61
N GLY A 336 11.88 10.53 -13.59
CA GLY A 336 12.01 11.96 -13.57
C GLY A 336 12.78 12.52 -12.39
N LYS A 337 12.80 11.83 -11.27
CA LYS A 337 13.28 12.52 -10.07
C LYS A 337 14.75 12.24 -9.78
N TYR A 338 15.42 11.41 -10.58
CA TYR A 338 16.81 11.03 -10.38
C TYR A 338 17.70 11.31 -11.58
N PRO A 339 17.79 12.56 -12.05
CA PRO A 339 18.68 12.83 -13.18
C PRO A 339 20.14 12.65 -12.84
N ASP A 340 20.47 12.64 -11.54
CA ASP A 340 21.82 12.40 -11.02
C ASP A 340 22.11 10.91 -10.86
N ILE A 341 21.20 10.06 -11.30
CA ILE A 341 21.41 8.62 -11.35
C ILE A 341 21.54 8.17 -12.80
N ILE A 342 20.58 8.56 -13.63
CA ILE A 342 20.63 8.23 -15.05
C ILE A 342 21.92 8.73 -15.66
N SER A 343 22.46 9.82 -15.11
CA SER A 343 23.77 10.33 -15.52
C SER A 343 24.89 9.41 -15.01
N ARG A 344 24.98 9.22 -13.70
CA ARG A 344 26.03 8.37 -13.14
C ARG A 344 25.91 6.92 -13.60
N ILE A 345 25.02 6.65 -14.55
CA ILE A 345 24.60 5.28 -14.86
C ILE A 345 25.80 4.48 -15.36
N PRO A 346 26.52 4.90 -16.41
CA PRO A 346 27.59 4.03 -16.93
C PRO A 346 28.60 3.59 -15.88
N LYS A 347 28.90 4.44 -14.89
CA LYS A 347 29.95 4.27 -13.87
C LYS A 347 29.71 3.04 -12.88
N ILE A 348 28.67 2.21 -13.07
CA ILE A 348 28.44 1.03 -12.26
C ILE A 348 28.34 -0.24 -13.10
N LYS A 349 27.71 -0.15 -14.27
CA LYS A 349 27.69 -1.27 -15.19
C LYS A 349 29.08 -1.45 -15.77
N LEU A 350 29.65 -2.65 -15.60
CA LEU A 350 30.83 -3.02 -16.36
C LEU A 350 30.57 -2.82 -17.85
N PRO A 351 31.61 -2.59 -18.66
CA PRO A 351 31.36 -2.32 -20.08
C PRO A 351 30.71 -3.49 -20.80
N SER A 352 30.93 -4.73 -20.35
CA SER A 352 30.30 -5.90 -20.93
C SER A 352 28.88 -6.11 -20.43
N VAL A 353 28.40 -5.25 -19.52
CA VAL A 353 27.03 -5.31 -19.02
C VAL A 353 26.17 -4.46 -19.96
N THR A 354 25.22 -5.12 -20.64
CA THR A 354 24.50 -4.54 -21.77
C THR A 354 23.03 -4.27 -21.51
N SER A 355 22.43 -4.93 -20.51
CA SER A 355 21.07 -4.68 -20.04
C SER A 355 20.92 -5.30 -18.65
N PHE A 356 20.40 -4.54 -17.68
CA PHE A 356 20.32 -5.06 -16.33
C PHE A 356 19.10 -4.51 -15.58
N ILE A 357 18.73 -5.18 -14.50
CA ILE A 357 17.72 -4.72 -13.55
C ILE A 357 18.29 -4.86 -12.14
N LEU A 358 18.24 -3.78 -11.37
CA LEU A 358 18.84 -3.75 -10.04
C LEU A 358 17.80 -3.46 -8.97
N ASP A 359 17.96 -4.13 -7.82
CA ASP A 359 17.08 -3.98 -6.67
C ASP A 359 17.90 -3.35 -5.54
N THR A 360 17.77 -2.01 -5.39
CA THR A 360 18.60 -1.16 -4.54
C THR A 360 17.78 -0.24 -3.63
N GLU A 361 18.46 0.40 -2.69
CA GLU A 361 17.85 1.42 -1.82
C GLU A 361 18.63 2.71 -1.94
N ALA A 362 17.98 3.76 -2.43
CA ALA A 362 18.59 5.08 -2.57
C ALA A 362 18.54 5.81 -1.22
N VAL A 363 19.72 6.22 -0.73
CA VAL A 363 19.91 6.82 0.59
C VAL A 363 20.51 8.21 0.41
N ALA A 364 20.21 9.11 1.36
CA ALA A 364 20.67 10.49 1.28
C ALA A 364 22.09 10.62 1.86
N TRP A 365 22.97 11.27 1.10
CA TRP A 365 24.40 11.25 1.36
C TRP A 365 24.92 12.67 1.47
N ASP A 366 25.57 12.99 2.61
CA ASP A 366 26.25 14.27 2.77
C ASP A 366 27.65 14.15 2.20
N ARG A 367 27.92 14.86 1.10
CA ARG A 367 29.24 14.78 0.49
C ARG A 367 30.30 15.43 1.38
N GLU A 368 30.03 16.65 1.85
CA GLU A 368 30.98 17.42 2.67
C GLU A 368 31.36 16.72 3.96
N LYS A 369 30.66 15.64 4.34
CA LYS A 369 30.99 14.86 5.53
C LYS A 369 31.17 13.36 5.28
N LYS A 370 30.66 12.83 4.16
CA LYS A 370 30.74 11.40 3.87
C LYS A 370 30.07 10.56 4.98
N GLN A 371 28.79 10.86 5.22
CA GLN A 371 27.98 10.10 6.16
C GLN A 371 26.52 10.16 5.69
N ILE A 372 25.69 9.26 6.23
CA ILE A 372 24.30 9.11 5.78
C ILE A 372 23.47 10.29 6.26
N GLN A 373 22.34 10.52 5.60
CA GLN A 373 21.39 11.52 6.08
C GLN A 373 20.04 10.86 6.35
N PRO A 374 19.33 11.24 7.42
CA PRO A 374 18.10 10.52 7.82
C PRO A 374 17.04 10.60 6.75
N PHE A 375 16.11 9.65 6.80
CA PHE A 375 15.06 9.57 5.80
C PHE A 375 14.43 10.93 5.55
N GLN A 376 14.14 11.68 6.64
CA GLN A 376 13.48 12.99 6.53
C GLN A 376 14.16 13.84 5.47
N VAL A 377 15.49 13.81 5.44
CA VAL A 377 16.23 14.56 4.43
C VAL A 377 16.01 13.94 3.04
N LEU A 378 16.06 12.61 2.93
CA LEU A 378 15.87 11.98 1.63
C LEU A 378 14.60 12.46 0.97
N THR A 379 13.54 12.69 1.77
CA THR A 379 12.24 13.07 1.25
C THR A 379 12.18 14.52 0.80
N THR A 380 13.18 15.34 1.13
CA THR A 380 13.16 16.75 0.73
C THR A 380 13.75 16.99 -0.67
N ARG A 381 13.82 15.94 -1.47
CA ARG A 381 14.26 16.10 -2.84
C ARG A 381 13.03 16.42 -3.64
N LYS A 382 13.18 17.14 -4.73
CA LYS A 382 12.00 17.46 -5.51
C LYS A 382 11.55 16.22 -6.25
N ARG A 383 10.24 16.09 -6.44
CA ARG A 383 9.66 14.92 -7.11
C ARG A 383 9.48 15.15 -8.59
N LYS A 384 8.47 14.47 -9.13
CA LYS A 384 8.01 14.67 -10.49
C LYS A 384 9.19 14.84 -11.43
N GLU A 385 9.24 15.96 -12.13
CA GLU A 385 10.31 16.28 -13.06
C GLU A 385 11.32 17.19 -12.37
N VAL A 386 12.61 16.97 -12.68
CA VAL A 386 13.71 17.74 -12.09
C VAL A 386 14.82 17.89 -13.14
N ASP A 387 15.39 19.09 -13.23
CA ASP A 387 16.62 19.34 -13.99
C ASP A 387 17.84 19.09 -13.11
N ALA A 388 18.93 18.62 -13.74
CA ALA A 388 20.05 18.04 -13.00
C ALA A 388 20.87 19.06 -12.24
N SER A 389 20.78 20.34 -12.62
CA SER A 389 21.45 21.41 -11.87
C SER A 389 20.85 21.68 -10.50
N GLU A 390 19.53 21.83 -10.44
CA GLU A 390 18.78 22.08 -9.22
C GLU A 390 18.98 21.08 -8.07
N ILE A 391 19.71 19.96 -8.28
CA ILE A 391 19.73 18.89 -7.26
C ILE A 391 20.47 19.37 -6.02
N GLN A 392 20.05 18.87 -4.85
CA GLN A 392 20.46 19.42 -3.57
C GLN A 392 20.76 18.34 -2.53
N VAL A 393 19.98 17.27 -2.51
CA VAL A 393 20.21 16.20 -1.55
C VAL A 393 20.87 15.04 -2.28
N GLN A 394 22.16 14.87 -2.08
CA GLN A 394 22.87 13.84 -2.84
C GLN A 394 22.39 12.46 -2.42
N VAL A 395 22.22 11.58 -3.40
CA VAL A 395 21.75 10.22 -3.15
CA VAL A 395 21.76 10.21 -3.14
C VAL A 395 22.85 9.24 -3.52
N CYS A 396 22.98 8.18 -2.73
CA CYS A 396 23.95 7.11 -2.92
C CYS A 396 23.25 5.76 -2.81
N LEU A 397 23.31 4.97 -3.87
CA LEU A 397 22.62 3.69 -3.94
C LEU A 397 23.35 2.62 -3.14
N TYR A 398 22.59 1.64 -2.65
CA TYR A 398 23.14 0.54 -1.86
C TYR A 398 22.57 -0.74 -2.44
N ALA A 399 23.11 -1.16 -3.59
CA ALA A 399 22.53 -2.26 -4.35
C ALA A 399 22.66 -3.58 -3.58
N PHE A 400 21.54 -4.34 -3.51
CA PHE A 400 21.44 -5.58 -2.74
C PHE A 400 20.72 -6.67 -3.53
N ASP A 401 20.54 -6.50 -4.83
CA ASP A 401 20.06 -7.61 -5.64
C ASP A 401 20.19 -7.25 -7.10
N LEU A 402 20.07 -8.27 -7.91
CA LEU A 402 20.20 -8.15 -9.35
C LEU A 402 19.28 -9.21 -9.94
N ILE A 403 18.45 -8.82 -10.89
CA ILE A 403 17.26 -9.58 -11.21
C ILE A 403 17.27 -9.85 -12.72
N TYR A 404 18.12 -9.12 -13.43
CA TYR A 404 18.18 -9.29 -14.87
C TYR A 404 19.54 -8.78 -15.33
N LEU A 405 20.12 -9.47 -16.32
CA LEU A 405 21.47 -9.13 -16.79
C LEU A 405 21.66 -9.60 -18.22
N ASN A 406 21.97 -8.66 -19.13
CA ASN A 406 22.40 -8.91 -20.51
C ASN A 406 21.49 -9.88 -21.28
N GLY A 407 20.20 -9.94 -20.93
CA GLY A 407 19.22 -10.79 -21.61
C GLY A 407 18.54 -11.79 -20.71
N GLU A 408 19.30 -12.43 -19.84
CA GLU A 408 18.77 -13.45 -18.94
C GLU A 408 17.95 -12.83 -17.81
N SER A 409 16.94 -13.58 -17.33
CA SER A 409 16.05 -13.18 -16.24
C SER A 409 16.31 -14.07 -15.01
N LEU A 410 17.06 -13.54 -14.04
CA LEU A 410 17.59 -14.28 -12.89
C LEU A 410 16.57 -14.58 -11.79
N VAL A 411 15.27 -14.40 -12.08
CA VAL A 411 14.23 -14.74 -11.11
C VAL A 411 14.41 -16.16 -10.62
N ARG A 412 14.67 -17.10 -11.54
CA ARG A 412 14.71 -18.52 -11.21
C ARG A 412 16.01 -18.91 -10.48
N GLU A 413 17.09 -17.94 -10.36
CA GLU A 413 18.39 -18.26 -9.77
C GLU A 413 18.40 -17.95 -8.28
N PRO A 414 19.23 -18.66 -7.49
CA PRO A 414 19.26 -18.41 -6.04
C PRO A 414 19.96 -17.10 -5.74
N LEU A 415 19.90 -16.69 -4.47
CA LEU A 415 20.52 -15.43 -4.11
C LEU A 415 22.03 -15.51 -4.34
N SER A 416 22.66 -16.56 -3.83
CA SER A 416 24.10 -16.75 -4.03
C SER A 416 24.50 -16.60 -5.49
N ARG A 417 23.67 -17.13 -6.40
CA ARG A 417 23.93 -16.94 -7.82
C ARG A 417 23.89 -15.47 -8.17
N ARG A 418 22.86 -14.76 -7.68
CA ARG A 418 22.63 -13.36 -8.06
C ARG A 418 23.62 -12.40 -7.42
N ARG A 419 24.06 -12.72 -6.19
CA ARG A 419 25.02 -11.89 -5.46
C ARG A 419 26.34 -11.78 -6.22
N GLN A 420 27.00 -12.91 -6.50
CA GLN A 420 28.25 -12.88 -7.26
C GLN A 420 28.04 -12.18 -8.59
N LEU A 421 26.92 -12.51 -9.26
CA LEU A 421 26.64 -11.94 -10.56
C LEU A 421 26.60 -10.42 -10.52
N LEU A 422 25.99 -9.86 -9.46
CA LEU A 422 26.06 -8.42 -9.25
C LEU A 422 27.45 -8.01 -8.82
N ARG A 423 27.95 -8.62 -7.73
CA ARG A 423 29.23 -8.22 -7.15
C ARG A 423 30.29 -8.15 -8.25
N GLU A 424 30.23 -9.10 -9.16
CA GLU A 424 31.24 -9.18 -10.19
C GLU A 424 30.94 -8.40 -11.44
N ASN A 425 29.78 -7.79 -11.55
CA ASN A 425 29.53 -7.04 -12.76
C ASN A 425 29.48 -5.57 -12.55
N PHE A 426 29.45 -5.14 -11.32
CA PHE A 426 29.36 -3.70 -11.06
C PHE A 426 30.47 -3.07 -10.22
N VAL A 427 30.57 -1.76 -10.25
CA VAL A 427 31.67 -1.10 -9.56
C VAL A 427 31.43 -0.16 -8.39
N GLU A 428 31.97 -0.54 -7.27
CA GLU A 428 31.82 0.24 -6.07
C GLU A 428 32.37 1.65 -6.22
N THR A 429 31.59 2.65 -5.77
CA THR A 429 32.10 4.04 -5.56
C THR A 429 31.61 4.55 -4.20
N GLU A 430 32.51 4.66 -3.23
CA GLU A 430 32.10 4.99 -1.88
C GLU A 430 31.60 6.43 -1.83
N GLY A 431 30.29 6.58 -1.68
CA GLY A 431 29.63 7.87 -1.80
C GLY A 431 28.68 7.98 -2.98
N GLU A 432 28.55 6.91 -3.78
CA GLU A 432 27.65 6.87 -4.93
C GLU A 432 27.02 5.46 -4.91
N PHE A 433 27.85 4.42 -4.98
CA PHE A 433 27.40 3.03 -5.23
C PHE A 433 28.20 2.04 -4.39
N VAL A 434 27.50 1.26 -3.57
CA VAL A 434 28.13 0.36 -2.61
C VAL A 434 27.20 -0.82 -2.41
N PHE A 435 27.76 -2.02 -2.32
CA PHE A 435 26.96 -3.19 -1.97
C PHE A 435 26.51 -3.10 -0.51
N ALA A 436 25.32 -3.59 -0.24
CA ALA A 436 24.90 -3.65 1.14
C ALA A 436 25.95 -4.38 1.95
N THR A 437 26.48 -3.70 2.98
CA THR A 437 27.42 -4.28 3.93
C THR A 437 26.88 -5.60 4.48
N SER A 438 27.60 -6.68 4.19
CA SER A 438 27.08 -8.02 4.40
C SER A 438 28.04 -8.79 5.27
N LEU A 439 27.56 -9.90 5.86
CA LEU A 439 28.37 -10.76 6.73
C LEU A 439 27.68 -12.13 6.83
N ASP A 440 28.09 -13.08 5.98
CA ASP A 440 27.51 -14.43 5.97
C ASP A 440 27.99 -15.16 7.20
N THR A 441 27.07 -15.83 7.91
CA THR A 441 27.37 -16.43 9.21
C THR A 441 26.22 -17.32 9.64
N LYS A 442 26.38 -17.92 10.84
CA LYS A 442 25.38 -18.66 11.61
C LYS A 442 25.55 -18.40 13.11
N ASP A 443 26.36 -17.39 13.50
CA ASP A 443 26.97 -17.24 14.83
C ASP A 443 26.25 -16.20 15.69
N ILE A 444 25.48 -16.69 16.69
CA ILE A 444 24.65 -15.82 17.53
C ILE A 444 25.45 -14.65 18.08
N GLU A 445 26.67 -14.89 18.58
CA GLU A 445 27.43 -13.80 19.21
C GLU A 445 27.94 -12.79 18.20
N GLN A 446 28.23 -13.20 16.94
CA GLN A 446 28.69 -12.28 15.89
C GLN A 446 27.54 -11.68 15.11
N ILE A 447 26.32 -12.17 15.33
CA ILE A 447 25.09 -11.59 14.77
C ILE A 447 24.73 -10.32 15.56
N ALA A 448 24.43 -10.48 16.85
CA ALA A 448 24.10 -9.32 17.66
C ALA A 448 25.25 -8.31 17.69
N GLU A 449 26.48 -8.80 17.55
CA GLU A 449 27.61 -7.89 17.36
C GLU A 449 27.48 -7.11 16.05
N PHE A 450 26.76 -7.67 15.07
CA PHE A 450 26.53 -7.03 13.77
C PHE A 450 25.24 -6.22 13.75
N LEU A 451 24.22 -6.69 14.49
CA LEU A 451 23.01 -5.94 14.80
C LEU A 451 23.28 -4.57 15.40
N GLU A 452 23.83 -4.52 16.62
CA GLU A 452 24.28 -3.26 17.22
C GLU A 452 25.19 -2.48 16.27
N GLN A 453 25.98 -3.20 15.48
CA GLN A 453 26.86 -2.54 14.52
C GLN A 453 26.07 -1.78 13.47
N SER A 454 25.17 -2.47 12.77
CA SER A 454 24.33 -1.83 11.76
C SER A 454 23.84 -0.47 12.22
N VAL A 455 23.12 -0.47 13.36
CA VAL A 455 22.57 0.77 13.90
C VAL A 455 23.68 1.78 14.10
N LYS A 456 24.78 1.35 14.76
CA LYS A 456 25.90 2.25 15.02
C LYS A 456 26.31 2.98 13.75
N ASP A 457 26.21 2.30 12.60
CA ASP A 457 26.50 2.84 11.29
C ASP A 457 25.28 3.48 10.61
N SER A 458 24.20 3.78 11.35
CA SER A 458 23.02 4.51 10.87
C SER A 458 22.11 3.72 9.93
N CYS A 459 21.53 2.64 10.45
CA CYS A 459 20.60 1.80 9.71
C CYS A 459 19.56 1.27 10.69
N GLU A 460 18.40 0.88 10.17
CA GLU A 460 17.32 0.37 11.02
C GLU A 460 17.58 -1.03 11.53
N GLY A 461 18.58 -1.73 11.01
CA GLY A 461 18.80 -3.05 11.52
C GLY A 461 19.30 -4.01 10.47
N LEU A 462 18.82 -5.24 10.55
CA LEU A 462 19.39 -6.32 9.76
C LEU A 462 18.32 -6.81 8.80
N MET A 463 18.65 -6.78 7.52
CA MET A 463 17.99 -7.64 6.57
C MET A 463 18.59 -9.04 6.69
N VAL A 464 17.75 -10.08 6.51
CA VAL A 464 18.18 -11.47 6.63
C VAL A 464 17.43 -12.34 5.63
N LYS A 465 18.18 -12.91 4.69
CA LYS A 465 17.63 -13.66 3.56
C LYS A 465 18.48 -14.90 3.34
N THR A 466 17.88 -15.92 2.74
CA THR A 466 18.63 -17.14 2.52
C THR A 466 19.44 -17.06 1.22
N LEU A 467 20.42 -17.95 1.12
CA LEU A 467 21.43 -17.98 0.08
C LEU A 467 21.15 -19.02 -1.01
N ASP A 468 20.57 -20.17 -0.66
CA ASP A 468 20.33 -21.24 -1.62
C ASP A 468 18.96 -21.90 -1.46
N VAL A 469 18.59 -22.25 -0.23
CA VAL A 469 17.28 -22.84 0.05
C VAL A 469 16.20 -21.75 -0.07
N ASP A 470 15.13 -22.05 -0.83
CA ASP A 470 14.12 -21.07 -1.21
C ASP A 470 14.73 -19.69 -1.34
N ALA A 471 15.72 -19.54 -2.24
CA ALA A 471 16.51 -18.32 -2.33
C ALA A 471 16.17 -17.51 -3.56
N THR A 472 15.10 -17.88 -4.27
CA THR A 472 14.76 -17.27 -5.55
C THR A 472 14.30 -15.81 -5.37
N TYR A 473 13.98 -15.17 -6.51
CA TYR A 473 13.20 -13.93 -6.53
C TYR A 473 11.79 -14.21 -7.06
N GLU A 474 11.20 -15.36 -6.71
CA GLU A 474 9.88 -15.74 -7.24
C GLU A 474 8.80 -15.35 -6.23
N ILE A 475 8.38 -14.08 -6.30
CA ILE A 475 7.42 -13.51 -5.34
C ILE A 475 6.19 -14.41 -5.16
N ALA A 476 5.84 -15.21 -6.17
CA ALA A 476 4.52 -15.84 -6.20
C ALA A 476 4.37 -16.92 -5.12
N LYS A 477 5.45 -17.66 -4.83
CA LYS A 477 5.48 -18.72 -3.83
C LYS A 477 5.35 -18.10 -2.44
N ARG A 478 6.41 -17.44 -1.98
CA ARG A 478 6.32 -16.65 -0.76
C ARG A 478 6.77 -15.22 -1.08
N SER A 479 5.94 -14.23 -0.68
CA SER A 479 6.21 -12.80 -0.96
C SER A 479 6.99 -12.10 0.16
N HIS A 480 6.82 -12.52 1.42
CA HIS A 480 7.61 -12.04 2.56
C HIS A 480 8.68 -13.08 2.97
N ASN A 481 9.47 -13.52 1.98
CA ASN A 481 10.39 -14.63 2.23
C ASN A 481 11.74 -14.17 2.76
N TRP A 482 12.10 -12.90 2.55
CA TRP A 482 13.17 -12.23 3.32
C TRP A 482 12.66 -11.91 4.73
N LEU A 483 13.61 -11.64 5.64
CA LEU A 483 13.28 -11.36 7.03
C LEU A 483 13.87 -10.01 7.42
N LYS A 484 13.05 -9.12 7.98
CA LYS A 484 13.49 -7.81 8.43
C LYS A 484 13.63 -7.89 9.95
N LEU A 485 14.85 -7.71 10.45
CA LEU A 485 15.14 -7.77 11.87
C LEU A 485 15.66 -6.42 12.33
N LYS A 486 14.92 -5.78 13.27
CA LYS A 486 15.09 -4.37 13.63
C LYS A 486 14.89 -4.20 15.13
N LYS A 487 15.50 -3.13 15.67
CA LYS A 487 15.72 -2.98 17.11
C LYS A 487 14.41 -2.94 17.91
N ASP A 488 13.38 -2.26 17.41
CA ASP A 488 12.15 -1.99 18.15
C ASP A 488 11.17 -3.16 18.20
N TYR A 489 11.51 -4.31 17.60
CA TYR A 489 10.64 -5.49 17.62
C TYR A 489 10.88 -6.38 18.83
N LEU A 490 12.07 -6.21 19.40
CA LEU A 490 12.51 -7.07 20.54
C LEU A 490 11.85 -6.62 21.83
N ASP A 491 10.75 -7.24 22.23
CA ASP A 491 10.09 -7.02 23.51
C ASP A 491 11.11 -6.76 24.61
N GLY A 492 11.13 -5.51 25.08
CA GLY A 492 12.14 -5.03 26.02
C GLY A 492 13.41 -4.46 25.39
N VAL A 493 13.29 -3.73 24.27
CA VAL A 493 14.36 -2.89 23.71
C VAL A 493 13.75 -1.69 23.01
N GLY A 494 14.59 -0.72 22.70
CA GLY A 494 14.16 0.41 21.95
C GLY A 494 13.40 1.34 22.84
N ASP A 495 12.94 2.40 22.23
CA ASP A 495 12.42 3.55 22.96
C ASP A 495 10.94 3.34 23.24
N THR A 496 10.57 3.31 24.52
CA THR A 496 9.16 3.38 24.88
C THR A 496 8.96 4.53 25.86
N LEU A 497 7.93 5.32 25.58
CA LEU A 497 7.55 6.45 26.37
C LEU A 497 6.17 6.28 26.91
N ASP A 498 5.94 6.87 28.06
CA ASP A 498 4.61 6.92 28.66
C ASP A 498 4.01 8.28 28.36
N LEU A 499 2.81 8.28 27.78
CA LEU A 499 2.20 9.48 27.20
C LEU A 499 0.76 9.62 27.67
N VAL A 500 0.18 10.79 27.41
CA VAL A 500 -1.11 11.18 27.97
C VAL A 500 -2.12 11.27 26.83
N VAL A 501 -3.30 10.70 27.05
CA VAL A 501 -4.41 10.79 26.10
C VAL A 501 -5.20 12.06 26.40
N ILE A 502 -5.15 13.02 25.47
CA ILE A 502 -5.74 14.34 25.60
C ILE A 502 -6.90 14.55 24.65
N GLY A 503 -7.20 13.57 23.81
CA GLY A 503 -8.29 13.66 22.89
C GLY A 503 -8.36 12.38 22.09
N ALA A 504 -9.40 12.29 21.27
CA ALA A 504 -9.64 11.10 20.49
C ALA A 504 -10.32 11.49 19.17
N TYR A 505 -10.18 10.60 18.18
CA TYR A 505 -10.69 10.78 16.82
C TYR A 505 -11.71 9.70 16.50
N LEU A 506 -12.59 9.98 15.55
CA LEU A 506 -13.65 9.07 15.20
C LEU A 506 -13.21 8.11 14.09
N GLY A 507 -13.78 6.93 14.10
CA GLY A 507 -13.33 5.89 13.21
C GLY A 507 -14.04 5.83 11.87
N ARG A 508 -13.44 5.01 11.01
CA ARG A 508 -13.83 4.83 9.63
C ARG A 508 -13.96 3.33 9.47
N GLY A 509 -14.98 2.88 8.76
CA GLY A 509 -15.02 1.49 8.30
C GLY A 509 -15.04 0.46 9.42
N LYS A 510 -13.97 -0.36 9.47
CA LYS A 510 -13.81 -1.33 10.54
C LYS A 510 -13.84 -0.71 11.93
N ARG A 511 -13.50 0.58 12.10
CA ARG A 511 -13.60 1.21 13.40
C ARG A 511 -14.78 2.17 13.48
N ALA A 512 -15.62 2.21 12.45
CA ALA A 512 -16.85 2.99 12.47
C ALA A 512 -17.70 2.71 13.72
N GLY A 513 -17.93 3.73 14.53
CA GLY A 513 -18.77 3.58 15.71
C GLY A 513 -18.03 3.56 17.03
N ARG A 514 -16.73 3.83 17.02
CA ARG A 514 -15.95 4.11 18.22
C ARG A 514 -14.75 4.93 17.76
N TYR A 515 -13.75 5.09 18.61
CA TYR A 515 -12.62 5.92 18.26
C TYR A 515 -11.59 5.15 17.45
N GLY A 516 -11.26 5.69 16.28
CA GLY A 516 -10.25 5.10 15.40
C GLY A 516 -8.81 5.54 15.66
N GLY A 517 -8.62 6.71 16.30
CA GLY A 517 -7.31 7.24 16.63
C GLY A 517 -7.35 7.97 17.96
N PHE A 518 -6.16 8.40 18.42
CA PHE A 518 -6.02 9.12 19.69
C PHE A 518 -4.89 10.14 19.55
N LEU A 519 -4.98 11.23 20.32
CA LEU A 519 -3.95 12.27 20.36
C LEU A 519 -3.19 12.19 21.69
N LEU A 520 -1.87 12.21 21.61
CA LEU A 520 -1.01 11.85 22.74
C LEU A 520 -0.03 12.97 23.09
N ALA A 521 0.23 13.12 24.38
CA ALA A 521 0.89 14.31 24.88
C ALA A 521 1.89 14.00 25.99
N SER A 522 2.84 14.92 26.14
CA SER A 522 4.06 14.70 26.92
C SER A 522 4.31 15.92 27.80
N TYR A 523 4.07 15.76 29.12
CA TYR A 523 4.14 16.82 30.13
C TYR A 523 5.39 17.68 30.00
N ASP A 524 5.24 18.93 29.57
CA ASP A 524 6.32 19.88 29.72
C ASP A 524 6.33 20.43 31.15
N GLU A 525 7.52 20.47 31.75
CA GLU A 525 7.66 20.88 33.15
C GLU A 525 7.61 22.39 33.31
N ASP A 526 8.46 23.09 32.57
CA ASP A 526 8.54 24.54 32.68
C ASP A 526 7.20 25.20 32.42
N SER A 527 6.56 24.85 31.32
CA SER A 527 5.33 25.54 30.93
CA SER A 527 5.34 25.52 30.92
C SER A 527 4.10 25.00 31.63
N GLU A 528 4.25 23.97 32.49
CA GLU A 528 3.11 23.31 33.10
C GLU A 528 2.00 23.14 32.07
N GLU A 529 2.40 22.61 30.92
CA GLU A 529 1.49 22.35 29.81
C GLU A 529 1.75 20.94 29.30
N LEU A 530 0.68 20.24 28.96
CA LEU A 530 0.79 19.02 28.17
C LEU A 530 0.98 19.41 26.71
N GLN A 531 1.64 18.57 25.92
CA GLN A 531 1.92 18.95 24.54
C GLN A 531 1.76 17.78 23.58
N ALA A 532 0.94 17.97 22.55
CA ALA A 532 0.66 16.91 21.57
C ALA A 532 1.95 16.46 20.89
N ILE A 533 2.16 15.14 20.80
CA ILE A 533 3.41 14.60 20.28
C ILE A 533 3.17 13.66 19.11
N CYS A 534 2.06 12.94 19.13
CA CYS A 534 1.69 12.15 17.95
C CYS A 534 0.23 11.79 18.04
N LYS A 535 -0.26 11.15 16.98
CA LYS A 535 -1.52 10.42 16.93
C LYS A 535 -1.24 8.91 17.06
N LEU A 536 -2.30 8.13 17.31
CA LEU A 536 -2.07 6.71 17.59
C LEU A 536 -3.29 5.89 17.20
N GLY A 537 -3.17 4.99 16.21
CA GLY A 537 -4.34 4.29 15.72
C GLY A 537 -4.15 2.81 15.46
N THR A 538 -3.10 2.28 16.07
CA THR A 538 -2.67 0.92 15.78
C THR A 538 -1.97 0.30 16.96
N GLY A 539 -2.19 -1.01 17.12
CA GLY A 539 -1.45 -1.76 18.13
C GLY A 539 -2.27 -2.20 19.31
N PHE A 540 -3.52 -1.80 19.39
CA PHE A 540 -4.49 -2.40 20.30
C PHE A 540 -5.33 -3.43 19.55
N SER A 541 -5.85 -4.38 20.33
CA SER A 541 -6.83 -5.34 19.86
C SER A 541 -8.20 -4.68 19.83
N ASP A 542 -9.18 -5.41 19.33
CA ASP A 542 -10.54 -4.90 19.34
C ASP A 542 -11.09 -4.84 20.75
N GLU A 543 -10.79 -5.86 21.58
CA GLU A 543 -11.30 -5.91 22.95
C GLU A 543 -10.74 -4.74 23.77
N GLU A 544 -9.42 -4.52 23.69
CA GLU A 544 -8.81 -3.34 24.31
C GLU A 544 -9.40 -2.05 23.75
N LEU A 545 -9.50 -1.95 22.42
CA LEU A 545 -9.99 -0.74 21.79
C LEU A 545 -11.40 -0.39 22.23
N GLU A 546 -12.18 -1.36 22.72
CA GLU A 546 -13.47 -0.98 23.26
C GLU A 546 -13.34 -0.55 24.73
N GLU A 547 -12.63 -1.32 25.57
CA GLU A 547 -12.27 -0.89 26.92
C GLU A 547 -11.83 0.57 26.91
N HIS A 548 -11.30 0.98 25.78
CA HIS A 548 -10.87 2.33 25.61
C HIS A 548 -12.06 3.23 25.40
N HIS A 549 -12.70 3.12 24.24
CA HIS A 549 -13.86 3.96 23.91
C HIS A 549 -14.89 3.99 25.02
N GLN A 550 -14.90 2.99 25.90
CA GLN A 550 -15.74 3.00 27.09
C GLN A 550 -15.16 3.87 28.21
N SER A 551 -14.11 3.38 28.90
CA SER A 551 -13.55 4.08 30.05
C SER A 551 -13.19 5.54 29.75
N LEU A 552 -13.11 5.93 28.46
CA LEU A 552 -12.99 7.30 28.00
C LEU A 552 -14.33 7.95 27.71
N LYS A 553 -15.41 7.17 27.58
CA LYS A 553 -16.72 7.76 27.39
C LYS A 553 -17.14 8.57 28.61
N ALA A 554 -16.50 8.33 29.74
CA ALA A 554 -16.71 9.19 30.90
C ALA A 554 -16.04 10.57 30.82
N LEU A 555 -14.72 10.58 30.62
CA LEU A 555 -13.87 11.76 30.57
C LEU A 555 -14.25 12.81 29.52
N VAL A 556 -15.22 12.53 28.66
CA VAL A 556 -15.41 13.36 27.48
C VAL A 556 -15.55 14.82 27.88
N LEU A 557 -14.94 15.71 27.08
CA LEU A 557 -14.95 17.15 27.35
C LEU A 557 -15.72 17.90 26.28
N PRO A 558 -16.29 19.05 26.61
CA PRO A 558 -16.88 19.94 25.61
C PRO A 558 -15.87 20.90 24.99
N SER A 559 -14.73 21.06 25.64
CA SER A 559 -13.74 22.03 25.20
C SER A 559 -12.39 21.54 25.67
N PRO A 560 -11.30 22.12 25.15
CA PRO A 560 -9.97 21.79 25.70
C PRO A 560 -9.85 22.26 27.12
N ARG A 561 -9.09 21.50 27.91
CA ARG A 561 -8.50 22.12 29.09
C ARG A 561 -7.52 23.20 28.63
N PRO A 562 -7.32 24.25 29.43
CA PRO A 562 -6.49 25.36 28.98
C PRO A 562 -4.99 25.10 29.00
N TYR A 563 -4.52 24.07 29.72
CA TYR A 563 -3.10 23.76 29.81
C TYR A 563 -2.62 22.77 28.74
N VAL A 564 -3.54 22.31 27.87
CA VAL A 564 -3.23 21.46 26.71
C VAL A 564 -2.90 22.33 25.51
N ARG A 565 -1.80 22.05 24.82
CA ARG A 565 -1.38 22.83 23.66
C ARG A 565 -1.08 21.87 22.52
N ILE A 566 -1.97 21.82 21.51
CA ILE A 566 -1.84 20.82 20.40
C ILE A 566 -1.33 21.44 19.10
N ASP A 567 -1.48 22.76 18.91
CA ASP A 567 -1.00 23.47 17.74
C ASP A 567 -1.70 22.99 16.49
N GLY A 568 -0.90 22.68 15.46
CA GLY A 568 -1.33 22.30 14.13
C GLY A 568 -1.72 20.86 13.95
N ALA A 569 -1.96 20.13 15.04
CA ALA A 569 -2.56 18.81 14.95
C ALA A 569 -4.05 18.95 14.66
N VAL A 570 -4.58 17.99 13.90
CA VAL A 570 -6.02 17.85 13.76
C VAL A 570 -6.66 18.01 15.13
N ILE A 571 -7.63 18.92 15.20
CA ILE A 571 -8.42 19.10 16.41
C ILE A 571 -9.16 17.77 16.60
N PRO A 572 -8.99 17.12 17.74
CA PRO A 572 -9.73 15.87 17.97
C PRO A 572 -11.23 16.09 17.88
N ASP A 573 -11.92 15.04 17.47
CA ASP A 573 -13.38 15.14 17.39
C ASP A 573 -14.01 15.15 18.78
N HIS A 574 -13.50 14.31 19.70
CA HIS A 574 -13.81 14.38 21.13
C HIS A 574 -12.55 14.79 21.90
N TRP A 575 -12.65 15.87 22.69
CA TRP A 575 -11.61 16.27 23.64
C TRP A 575 -11.81 15.55 24.97
N LEU A 576 -10.69 15.29 25.65
CA LEU A 576 -10.71 14.41 26.81
C LEU A 576 -10.04 15.05 28.02
N ASP A 577 -10.59 14.74 29.19
CA ASP A 577 -10.07 15.20 30.47
C ASP A 577 -8.86 14.32 30.67
N PRO A 578 -7.67 14.94 30.76
CA PRO A 578 -6.42 14.18 30.85
C PRO A 578 -6.29 13.27 32.08
N SER A 579 -6.64 12.00 31.90
CA SER A 579 -6.53 10.99 32.93
C SER A 579 -5.70 9.79 32.44
N ALA A 580 -6.10 9.18 31.33
CA ALA A 580 -5.44 7.94 30.88
C ALA A 580 -3.99 8.18 30.46
N VAL A 581 -3.11 7.33 30.99
CA VAL A 581 -1.71 7.29 30.64
C VAL A 581 -1.39 5.94 30.00
N TRP A 582 -0.65 5.98 28.88
CA TRP A 582 -0.51 4.86 27.95
C TRP A 582 0.95 4.77 27.53
N GLU A 583 1.44 3.54 27.37
CA GLU A 583 2.85 3.34 27.04
C GLU A 583 2.95 3.06 25.55
N VAL A 584 3.81 3.81 24.88
CA VAL A 584 3.87 3.77 23.42
C VAL A 584 5.28 3.37 22.96
N LYS A 585 5.36 2.45 22.00
CA LYS A 585 6.64 2.10 21.41
C LYS A 585 6.74 2.76 20.05
N CYS A 586 7.96 3.04 19.62
CA CYS A 586 8.09 3.74 18.36
C CYS A 586 9.48 3.55 17.80
N ALA A 587 9.59 3.67 16.49
CA ALA A 587 10.83 3.32 15.86
C ALA A 587 11.84 4.45 15.85
N ASP A 588 11.43 5.66 16.20
CA ASP A 588 12.29 6.83 16.09
C ASP A 588 11.52 7.98 16.69
N LEU A 589 12.22 9.12 16.80
CA LEU A 589 11.60 10.42 17.03
C LEU A 589 12.03 11.31 15.90
N SER A 590 11.13 12.17 15.45
CA SER A 590 11.40 12.99 14.29
C SER A 590 11.12 14.43 14.63
N LEU A 591 11.83 15.29 13.90
CA LEU A 591 11.64 16.73 13.94
C LEU A 591 10.30 17.11 13.32
N SER A 592 9.28 17.34 14.16
CA SER A 592 7.90 17.51 13.64
C SER A 592 7.69 18.91 13.08
N PRO A 593 7.28 19.05 11.82
CA PRO A 593 6.91 20.37 11.32
C PRO A 593 5.56 20.86 11.81
N ILE A 594 4.88 20.11 12.68
CA ILE A 594 3.56 20.53 13.14
C ILE A 594 3.32 20.19 14.61
N TYR A 595 4.31 19.50 15.29
CA TYR A 595 3.93 19.12 16.66
C TYR A 595 4.65 19.97 17.71
N PRO A 596 3.95 20.30 18.81
CA PRO A 596 4.50 21.23 19.80
C PRO A 596 5.54 20.67 20.75
N ALA A 597 5.47 19.35 21.04
CA ALA A 597 6.24 18.70 22.08
C ALA A 597 7.75 18.95 21.93
N ALA A 598 8.34 19.53 22.98
CA ALA A 598 9.76 19.91 23.05
C ALA A 598 10.20 20.86 21.92
N ARG A 599 9.27 21.61 21.32
CA ARG A 599 9.66 22.69 20.44
C ARG A 599 10.59 23.62 21.21
N GLY A 600 11.65 24.04 20.54
CA GLY A 600 12.66 24.87 21.17
C GLY A 600 13.88 24.13 21.73
N LEU A 601 13.64 23.03 22.45
CA LEU A 601 14.76 22.36 23.12
C LEU A 601 15.77 21.81 22.11
N VAL A 602 15.33 21.44 20.92
CA VAL A 602 16.24 20.96 19.89
C VAL A 602 16.20 21.80 18.63
N ASP A 603 15.16 22.62 18.43
CA ASP A 603 15.06 23.41 17.21
C ASP A 603 14.28 24.71 17.47
N SER A 604 14.63 25.75 16.70
CA SER A 604 13.99 27.05 16.84
C SER A 604 12.47 26.96 16.81
N ASP A 605 11.93 26.32 15.76
CA ASP A 605 10.49 26.32 15.55
C ASP A 605 9.82 25.00 15.86
N LYS A 606 10.52 23.88 15.61
CA LYS A 606 9.91 22.58 15.39
C LYS A 606 9.85 21.77 16.69
N GLY A 607 8.76 21.01 16.86
CA GLY A 607 8.62 20.08 17.95
C GLY A 607 9.22 18.71 17.63
N ILE A 608 8.63 17.67 18.22
CA ILE A 608 9.15 16.30 18.06
C ILE A 608 7.98 15.31 18.09
N SER A 609 7.92 14.42 17.07
CA SER A 609 6.89 13.40 16.95
C SER A 609 7.52 12.02 16.96
N LEU A 610 6.67 11.00 17.00
CA LEU A 610 7.14 9.62 16.97
C LEU A 610 6.97 9.02 15.57
N ARG A 611 7.88 8.12 15.20
CA ARG A 611 7.83 7.49 13.91
C ARG A 611 7.37 6.07 14.15
N PHE A 612 6.32 5.66 13.44
CA PHE A 612 5.62 4.40 13.71
C PHE A 612 5.20 4.26 15.18
N PRO A 613 4.45 5.23 15.72
CA PRO A 613 3.84 4.99 17.02
C PRO A 613 3.01 3.74 16.97
N ARG A 614 3.09 2.94 18.05
CA ARG A 614 2.13 1.87 18.35
C ARG A 614 1.87 1.81 19.86
N PHE A 615 0.64 1.43 20.21
CA PHE A 615 0.20 1.27 21.60
C PHE A 615 0.67 -0.07 22.13
N ILE A 616 1.24 -0.08 23.34
CA ILE A 616 1.67 -1.31 23.99
C ILE A 616 0.71 -1.72 25.11
N ARG A 617 0.42 -0.81 26.06
CA ARG A 617 -0.39 -1.15 27.23
C ARG A 617 -0.77 0.10 28.01
N VAL A 618 -1.78 -0.08 28.86
CA VAL A 618 -2.26 1.01 29.69
C VAL A 618 -1.39 1.08 30.93
N ARG A 619 -1.06 2.30 31.35
CA ARG A 619 -0.19 2.52 32.47
C ARG A 619 -0.99 3.16 33.59
N GLU A 620 -1.86 2.35 34.21
CA GLU A 620 -2.75 2.84 35.26
C GLU A 620 -1.98 3.46 36.41
N ASP A 621 -0.92 2.79 36.85
CA ASP A 621 -0.13 3.20 38.00
C ASP A 621 0.55 4.56 37.83
N LYS A 622 0.54 5.13 36.63
CA LYS A 622 1.08 6.46 36.39
C LYS A 622 -0.06 7.48 36.30
N GLN A 623 0.23 8.70 36.74
CA GLN A 623 -0.74 9.77 36.66
C GLN A 623 -0.20 10.87 35.75
N PRO A 624 -1.08 11.66 35.13
CA PRO A 624 -0.62 12.44 33.97
C PRO A 624 0.61 13.30 34.22
N GLU A 625 0.81 13.81 35.43
CA GLU A 625 2.07 14.53 35.65
C GLU A 625 3.26 13.56 35.73
N GLN A 626 3.01 12.24 35.78
CA GLN A 626 4.06 11.22 35.89
C GLN A 626 4.51 10.65 34.55
N ALA A 627 3.88 11.02 33.44
CA ALA A 627 4.27 10.53 32.13
C ALA A 627 5.53 11.24 31.62
N THR A 628 6.05 10.75 30.51
CA THR A 628 7.29 11.27 29.92
C THR A 628 7.25 12.78 29.72
N THR A 629 8.33 13.47 30.08
CA THR A 629 8.40 14.91 29.92
C THR A 629 9.04 15.28 28.59
N SER A 630 8.69 16.48 28.09
CA SER A 630 9.27 16.95 26.85
C SER A 630 10.76 17.14 26.98
N ALA A 631 11.25 17.43 28.19
CA ALA A 631 12.70 17.40 28.45
C ALA A 631 13.24 16.00 28.27
N GLN A 632 12.55 15.00 28.82
CA GLN A 632 12.88 13.63 28.48
C GLN A 632 12.89 13.44 26.95
N VAL A 633 11.76 13.76 26.28
CA VAL A 633 11.62 13.46 24.85
C VAL A 633 12.79 14.06 24.05
N ALA A 634 13.18 15.29 24.38
CA ALA A 634 14.32 15.91 23.72
C ALA A 634 15.57 15.06 23.82
N CYS A 635 15.73 14.37 24.96
CA CYS A 635 16.95 13.62 25.25
C CYS A 635 17.10 12.43 24.30
N LEU A 636 16.00 11.71 24.06
CA LEU A 636 16.07 10.54 23.20
C LEU A 636 16.42 10.93 21.76
N TYR A 637 15.87 12.04 21.27
CA TYR A 637 16.19 12.50 19.92
C TYR A 637 17.66 12.86 19.77
N ARG A 638 18.27 13.40 20.84
CA ARG A 638 19.69 13.75 20.78
C ARG A 638 20.55 12.49 20.73
N LYS A 639 20.20 11.47 21.52
CA LYS A 639 20.97 10.22 21.60
C LYS A 639 20.58 9.23 20.51
N GLN A 640 20.60 9.68 19.26
CA GLN A 640 19.91 8.96 18.19
C GLN A 640 20.67 9.23 16.87
N SER A 641 21.90 8.71 16.81
CA SER A 641 22.78 8.79 15.62
C SER A 641 22.68 10.15 14.94
N GLN A 642 23.03 11.19 15.69
CA GLN A 642 23.10 12.56 15.22
C GLN A 642 24.57 12.93 14.96
N ILE A 643 24.85 13.44 13.76
CA ILE A 643 26.24 13.67 13.35
C ILE A 643 26.39 14.98 12.60
P AMP E . 9.92 -3.18 5.39
O1P AMP E . 9.36 -4.13 4.35
O2P AMP E . 10.06 -3.79 6.77
O5' AMP E . 11.35 -2.91 4.75
C5' AMP E . 11.68 -3.43 3.46
C4' AMP E . 12.34 -2.37 2.61
O4' AMP E . 13.67 -2.16 3.08
C3' AMP E . 12.54 -2.67 1.14
O3' AMP E . 11.37 -2.40 0.38
C2' AMP E . 13.68 -1.74 0.74
O2' AMP E . 13.11 -0.53 0.28
C1' AMP E . 14.39 -1.49 2.08
N9 AMP E . 15.79 -1.98 2.12
C8 AMP E . 16.88 -1.24 2.43
N7 AMP E . 18.01 -2.00 2.42
C5 AMP E . 17.64 -3.26 2.12
C6 AMP E . 18.33 -4.58 1.93
N6 AMP E . 19.66 -4.75 2.08
N1 AMP E . 17.56 -5.63 1.63
C2 AMP E . 16.23 -5.52 1.49
N3 AMP E . 15.54 -4.38 1.62
C4 AMP E . 16.18 -3.24 1.93
#